data_3ZNO
#
_entry.id   3ZNO
#
_cell.length_a   44.031
_cell.length_b   61.056
_cell.length_c   259.723
_cell.angle_alpha   90.00
_cell.angle_beta   90.00
_cell.angle_gamma   90.00
#
_symmetry.space_group_name_H-M   'P 21 21 21'
#
loop_
_entity.id
_entity.type
_entity.pdbx_description
1 polymer 'D-AMINO-ACID OXIDASE'
2 non-polymer 'FLAVIN-ADENINE DINUCLEOTIDE'
3 non-polymer '4-(4-chlorophenethyl)-1H-pyrrole-2-carboxylic acid'
4 non-polymer GLYCEROL
5 water water
#
_entity_poly.entity_id   1
_entity_poly.type   'polypeptide(L)'
_entity_poly.pdbx_seq_one_letter_code
;MRVVVIGAGVIGLSTALCIHERYHSVLQPLDIKVYADRFTPLTTTDVAAGLWQPYLSDPNNPQEADWSQQTFDYLLSHVH
SPNAENLGLFLISGYNLFHEAIPDPSWKDTVLGFRKLTPRELDMFPDYGYGWFHTSLILEGKNYLQWLTERLTERGVKFF
QRKVESFEEVAREGADVIVNCTGVWAGALQRDPLLQPGRGQIMKVDAPWMKHFILTHDPERGIYNSPYIIPGTQTVTLGG
IFQLGNWSELNNIQDHNTIWEGCCRLEPTLKNARIIGERTGFRPVRPQIRLEREQLRTGPSNTEVIHNYGHGGYGLTIHW
GCALEAAKLFGRILEEKKLSRMPPSHL
;
_entity_poly.pdbx_strand_id   A,B
#
loop_
_chem_comp.id
_chem_comp.type
_chem_comp.name
_chem_comp.formula
FAD non-polymer 'FLAVIN-ADENINE DINUCLEOTIDE' 'C27 H33 N9 O15 P2'
GOL non-polymer GLYCEROL 'C3 H8 O3'
SE5 non-polymer '4-(4-chlorophenethyl)-1H-pyrrole-2-carboxylic acid' 'C13 H12 Cl N O2'
#
# COMPACT_ATOMS: atom_id res chain seq x y z
N MET A 1 -42.28 -19.13 -7.28
CA MET A 1 -41.33 -18.69 -8.30
C MET A 1 -39.99 -19.39 -8.10
N ARG A 2 -39.55 -20.18 -9.11
CA ARG A 2 -38.28 -20.91 -9.02
C ARG A 2 -37.22 -20.38 -9.97
N VAL A 3 -36.12 -19.84 -9.41
CA VAL A 3 -34.94 -19.28 -10.10
C VAL A 3 -33.73 -20.15 -9.88
N VAL A 4 -32.99 -20.42 -10.95
CA VAL A 4 -31.73 -21.19 -10.91
C VAL A 4 -30.66 -20.32 -11.52
N VAL A 5 -29.68 -19.95 -10.72
CA VAL A 5 -28.53 -19.16 -11.17
C VAL A 5 -27.42 -20.14 -11.60
N ILE A 6 -26.98 -20.13 -12.87
CA ILE A 6 -25.87 -21.00 -13.24
C ILE A 6 -24.60 -20.20 -13.23
N GLY A 7 -23.73 -20.51 -12.27
CA GLY A 7 -22.44 -19.85 -12.13
C GLY A 7 -22.18 -19.39 -10.72
N ALA A 8 -20.98 -19.71 -10.18
CA ALA A 8 -20.59 -19.29 -8.82
C ALA A 8 -19.40 -18.29 -8.80
N GLY A 9 -19.19 -17.59 -9.91
CA GLY A 9 -18.16 -16.55 -10.05
C GLY A 9 -18.80 -15.22 -9.70
N VAL A 10 -18.04 -14.10 -9.89
CA VAL A 10 -18.53 -12.73 -9.58
C VAL A 10 -19.88 -12.42 -10.26
N ILE A 11 -20.06 -12.90 -11.47
CA ILE A 11 -21.29 -12.62 -12.23
C ILE A 11 -22.53 -13.31 -11.64
N GLY A 12 -22.43 -14.62 -11.38
CA GLY A 12 -23.54 -15.37 -10.81
C GLY A 12 -23.97 -14.92 -9.43
N LEU A 13 -22.96 -14.75 -8.53
CA LEU A 13 -23.15 -14.41 -7.12
C LEU A 13 -23.67 -13.03 -6.89
N SER A 14 -23.17 -12.04 -7.67
CA SER A 14 -23.67 -10.66 -7.64
C SER A 14 -25.04 -10.56 -8.25
N THR A 15 -25.32 -11.33 -9.33
CA THR A 15 -26.64 -11.33 -9.97
C THR A 15 -27.70 -11.98 -9.06
N ALA A 16 -27.35 -13.13 -8.41
CA ALA A 16 -28.24 -13.80 -7.48
C ALA A 16 -28.64 -12.83 -6.38
N LEU A 17 -27.64 -12.13 -5.75
CA LEU A 17 -27.84 -11.15 -4.69
C LEU A 17 -28.75 -10.01 -5.09
N CYS A 18 -28.60 -9.44 -6.32
CA CYS A 18 -29.44 -8.32 -6.80
C CYS A 18 -30.86 -8.72 -6.99
N ILE A 19 -31.12 -9.85 -7.67
CA ILE A 19 -32.49 -10.39 -7.85
C ILE A 19 -33.13 -10.62 -6.48
N HIS A 20 -32.38 -11.17 -5.50
CA HIS A 20 -32.92 -11.36 -4.14
C HIS A 20 -33.23 -10.02 -3.46
N GLU A 21 -32.22 -9.08 -3.37
CA GLU A 21 -32.42 -7.76 -2.76
CA GLU A 21 -32.39 -7.75 -2.78
C GLU A 21 -33.69 -7.07 -3.26
N ARG A 22 -33.86 -6.99 -4.61
CA ARG A 22 -34.99 -6.28 -5.18
CA ARG A 22 -34.99 -6.30 -5.22
C ARG A 22 -36.30 -7.09 -5.20
N TYR A 23 -36.23 -8.43 -5.32
CA TYR A 23 -37.49 -9.22 -5.41
C TYR A 23 -37.99 -10.18 -4.33
N HIS A 24 -37.24 -10.42 -3.24
CA HIS A 24 -37.66 -11.34 -2.18
CA HIS A 24 -37.65 -11.33 -2.15
C HIS A 24 -39.06 -11.07 -1.61
N SER A 25 -39.47 -9.78 -1.49
CA SER A 25 -40.81 -9.45 -0.95
C SER A 25 -42.02 -9.43 -1.92
N VAL A 26 -41.81 -9.22 -3.23
CA VAL A 26 -42.91 -9.21 -4.20
C VAL A 26 -43.47 -10.61 -4.51
N LEU A 27 -42.57 -11.61 -4.61
CA LEU A 27 -42.95 -13.00 -4.89
C LEU A 27 -43.00 -13.79 -3.58
N GLN A 28 -44.15 -14.45 -3.35
CA GLN A 28 -44.43 -15.25 -2.14
C GLN A 28 -43.42 -16.39 -2.01
N PRO A 29 -43.33 -17.38 -2.91
CA PRO A 29 -42.27 -18.38 -2.76
C PRO A 29 -41.02 -18.07 -3.61
N LEU A 30 -40.42 -16.84 -3.55
CA LEU A 30 -39.19 -16.61 -4.35
C LEU A 30 -38.18 -17.68 -3.87
N ASP A 31 -37.91 -18.63 -4.76
CA ASP A 31 -36.94 -19.70 -4.56
C ASP A 31 -35.75 -19.53 -5.49
N ILE A 32 -34.58 -19.20 -4.91
CA ILE A 32 -33.37 -19.04 -5.69
C ILE A 32 -32.36 -20.09 -5.26
N LYS A 33 -31.77 -20.77 -6.25
CA LYS A 33 -30.72 -21.78 -6.08
C LYS A 33 -29.51 -21.45 -7.00
N VAL A 34 -28.28 -21.79 -6.55
CA VAL A 34 -27.10 -21.58 -7.37
C VAL A 34 -26.53 -22.93 -7.83
N TYR A 35 -26.39 -23.10 -9.16
CA TYR A 35 -25.80 -24.30 -9.77
C TYR A 35 -24.44 -23.92 -10.29
N ALA A 36 -23.42 -24.73 -10.01
CA ALA A 36 -22.06 -24.51 -10.47
C ALA A 36 -21.18 -25.76 -10.38
N ASP A 37 -20.28 -25.89 -11.34
CA ASP A 37 -19.33 -27.01 -11.35
CA ASP A 37 -19.30 -26.96 -11.47
C ASP A 37 -18.05 -26.62 -10.63
N ARG A 38 -17.79 -25.30 -10.41
CA ARG A 38 -16.63 -24.76 -9.66
C ARG A 38 -17.05 -23.62 -8.74
N PHE A 39 -16.45 -23.59 -7.54
CA PHE A 39 -16.77 -22.64 -6.46
C PHE A 39 -15.61 -21.72 -6.11
N THR A 40 -15.68 -21.07 -4.93
CA THR A 40 -14.78 -20.19 -4.14
C THR A 40 -13.35 -20.05 -4.53
N PRO A 41 -12.45 -21.06 -4.51
CA PRO A 41 -11.09 -20.80 -5.00
C PRO A 41 -10.88 -21.23 -6.47
N LEU A 42 -11.81 -22.06 -7.03
CA LEU A 42 -11.68 -22.66 -8.36
C LEU A 42 -12.33 -21.94 -9.60
N THR A 43 -12.71 -20.69 -9.44
CA THR A 43 -13.32 -19.93 -10.54
C THR A 43 -12.27 -18.97 -11.14
N THR A 44 -12.59 -18.38 -12.29
CA THR A 44 -11.77 -17.38 -12.97
C THR A 44 -11.67 -16.15 -12.08
N THR A 45 -12.80 -15.77 -11.39
CA THR A 45 -12.88 -14.65 -10.46
C THR A 45 -11.76 -14.67 -9.43
N ASP A 46 -11.48 -15.87 -8.90
CA ASP A 46 -10.43 -16.14 -7.93
C ASP A 46 -9.04 -15.85 -8.45
N VAL A 47 -8.85 -15.89 -9.77
CA VAL A 47 -7.55 -15.67 -10.42
C VAL A 47 -7.27 -14.14 -10.54
N ALA A 48 -8.33 -13.32 -10.47
CA ALA A 48 -8.27 -11.87 -10.65
C ALA A 48 -7.79 -11.09 -9.45
N ALA A 49 -6.91 -10.07 -9.68
CA ALA A 49 -6.44 -9.20 -8.58
C ALA A 49 -7.58 -8.26 -8.11
N GLY A 50 -8.45 -7.87 -9.02
CA GLY A 50 -9.60 -7.05 -8.67
C GLY A 50 -9.38 -5.56 -8.72
N LEU A 51 -8.44 -5.12 -9.56
CA LEU A 51 -8.22 -3.67 -9.72
C LEU A 51 -9.37 -3.09 -10.55
N TRP A 52 -9.96 -1.95 -10.10
CA TRP A 52 -11.00 -1.31 -10.88
C TRP A 52 -10.30 -0.48 -11.96
N GLN A 53 -10.42 -0.92 -13.21
CA GLN A 53 -9.86 -0.21 -14.36
C GLN A 53 -10.50 -0.71 -15.64
N PRO A 54 -11.32 0.11 -16.33
CA PRO A 54 -11.89 -0.32 -17.61
C PRO A 54 -10.83 -0.64 -18.66
N TYR A 55 -11.28 -1.35 -19.69
CA TYR A 55 -10.57 -1.76 -20.88
C TYR A 55 -9.79 -0.55 -21.44
N LEU A 56 -8.52 -0.76 -21.89
CA LEU A 56 -7.64 0.30 -22.40
C LEU A 56 -8.25 1.06 -23.58
N SER A 57 -8.88 0.35 -24.54
CA SER A 57 -9.54 0.98 -25.70
C SER A 57 -10.97 1.45 -25.36
N ASP A 58 -11.24 2.77 -25.55
CA ASP A 58 -12.54 3.42 -25.32
C ASP A 58 -13.64 2.69 -26.12
N PRO A 59 -14.83 2.47 -25.49
CA PRO A 59 -15.87 1.70 -26.18
C PRO A 59 -16.43 2.14 -27.54
N ASN A 60 -17.08 3.31 -27.84
CA ASN A 60 -17.57 4.47 -27.09
C ASN A 60 -19.04 4.14 -26.78
N ASN A 61 -19.24 3.42 -25.66
CA ASN A 61 -20.51 2.87 -25.23
C ASN A 61 -20.98 3.46 -23.89
N PRO A 62 -21.89 4.48 -23.96
CA PRO A 62 -22.38 5.13 -22.74
C PRO A 62 -22.97 4.20 -21.70
N GLN A 63 -23.65 3.13 -22.14
CA GLN A 63 -24.29 2.12 -21.32
C GLN A 63 -23.25 1.29 -20.57
N GLU A 64 -22.17 0.89 -21.28
CA GLU A 64 -21.03 0.13 -20.74
C GLU A 64 -20.22 0.99 -19.73
N ALA A 65 -20.07 2.28 -20.03
CA ALA A 65 -19.41 3.25 -19.16
C ALA A 65 -20.26 3.49 -17.89
N ASP A 66 -21.62 3.47 -18.02
CA ASP A 66 -22.53 3.60 -16.86
C ASP A 66 -22.37 2.36 -15.95
N TRP A 67 -22.21 1.13 -16.54
CA TRP A 67 -22.03 -0.12 -15.75
C TRP A 67 -20.74 -0.13 -14.95
N SER A 68 -19.70 0.50 -15.49
CA SER A 68 -18.40 0.60 -14.82
C SER A 68 -18.48 1.64 -13.67
N GLN A 69 -18.96 2.84 -13.99
CA GLN A 69 -19.16 3.96 -13.06
C GLN A 69 -20.02 3.57 -11.82
N GLN A 70 -21.11 2.82 -12.09
CA GLN A 70 -22.05 2.30 -11.10
C GLN A 70 -21.39 1.31 -10.13
N THR A 71 -20.42 0.53 -10.61
CA THR A 71 -19.67 -0.42 -9.81
C THR A 71 -18.72 0.35 -8.90
N PHE A 72 -18.00 1.36 -9.45
CA PHE A 72 -17.03 2.17 -8.68
C PHE A 72 -17.73 2.87 -7.51
N ASP A 73 -18.90 3.51 -7.76
CA ASP A 73 -19.71 4.21 -6.75
C ASP A 73 -20.20 3.27 -5.66
N TYR A 74 -20.73 2.09 -6.04
CA TYR A 74 -21.18 1.04 -5.14
C TYR A 74 -20.03 0.53 -4.24
N LEU A 75 -18.81 0.35 -4.80
CA LEU A 75 -17.64 -0.10 -4.07
C LEU A 75 -17.01 1.03 -3.24
N LEU A 76 -16.96 2.25 -3.79
CA LEU A 76 -16.42 3.39 -3.02
C LEU A 76 -17.29 3.70 -1.79
N SER A 77 -18.58 3.32 -1.81
CA SER A 77 -19.50 3.49 -0.70
C SER A 77 -19.11 2.55 0.45
N HIS A 78 -18.68 1.30 0.11
CA HIS A 78 -18.31 0.31 1.13
C HIS A 78 -16.89 0.52 1.66
N VAL A 79 -16.00 1.13 0.87
CA VAL A 79 -14.56 1.26 1.12
C VAL A 79 -14.09 1.72 2.53
N HIS A 80 -14.86 2.61 3.17
CA HIS A 80 -14.55 3.16 4.51
C HIS A 80 -15.41 2.55 5.61
N SER A 81 -16.33 1.64 5.25
CA SER A 81 -17.17 1.01 6.25
C SER A 81 -16.35 -0.06 6.98
N PRO A 82 -16.55 -0.26 8.30
CA PRO A 82 -15.80 -1.32 9.01
C PRO A 82 -16.05 -2.77 8.52
N ASN A 83 -16.75 -2.96 7.36
CA ASN A 83 -17.04 -4.26 6.72
C ASN A 83 -16.08 -4.53 5.53
N ALA A 84 -15.43 -3.45 4.99
CA ALA A 84 -14.56 -3.44 3.82
C ALA A 84 -13.54 -4.57 3.72
N GLU A 85 -12.99 -4.96 4.87
CA GLU A 85 -12.03 -6.06 5.09
C GLU A 85 -12.60 -7.39 4.53
N ASN A 86 -13.90 -7.66 4.79
CA ASN A 86 -14.64 -8.86 4.39
C ASN A 86 -14.93 -8.93 2.92
N LEU A 87 -14.97 -7.79 2.23
CA LEU A 87 -15.18 -7.77 0.77
C LEU A 87 -13.83 -7.93 0.06
N GLY A 88 -12.75 -7.60 0.76
CA GLY A 88 -11.40 -7.63 0.21
C GLY A 88 -11.20 -6.34 -0.55
N LEU A 89 -11.85 -5.26 -0.04
CA LEU A 89 -11.92 -3.95 -0.69
C LEU A 89 -11.10 -2.86 0.03
N PHE A 90 -10.28 -2.12 -0.74
N PHE A 90 -10.28 -2.10 -0.71
CA PHE A 90 -9.41 -1.02 -0.28
CA PHE A 90 -9.54 -0.92 -0.26
C PHE A 90 -8.98 -0.08 -1.41
C PHE A 90 -8.88 -0.10 -1.36
N LEU A 91 -8.68 1.18 -1.06
CA LEU A 91 -8.14 2.18 -1.98
C LEU A 91 -6.66 1.88 -2.25
N ILE A 92 -6.24 2.11 -3.50
CA ILE A 92 -4.84 1.89 -3.93
C ILE A 92 -4.43 2.89 -5.01
N SER A 93 -3.28 3.54 -4.85
CA SER A 93 -2.74 4.48 -5.85
C SER A 93 -1.73 3.74 -6.74
N GLY A 94 -1.48 4.27 -7.94
CA GLY A 94 -0.54 3.62 -8.84
C GLY A 94 -0.29 4.23 -10.20
N TYR A 95 0.60 3.56 -10.95
CA TYR A 95 1.12 3.95 -12.25
C TYR A 95 0.55 3.11 -13.38
N ASN A 96 0.35 3.77 -14.52
CA ASN A 96 -0.10 3.23 -15.81
C ASN A 96 0.94 3.83 -16.78
N LEU A 97 1.81 2.99 -17.36
CA LEU A 97 2.91 3.43 -18.19
C LEU A 97 2.78 3.11 -19.67
N PHE A 98 3.30 4.02 -20.49
CA PHE A 98 3.25 3.91 -21.95
C PHE A 98 4.57 4.38 -22.54
N HIS A 99 4.90 3.86 -23.72
CA HIS A 99 6.09 4.24 -24.48
C HIS A 99 5.86 5.59 -25.18
N GLU A 100 4.58 5.91 -25.53
CA GLU A 100 4.20 7.13 -26.27
C GLU A 100 3.04 7.90 -25.58
N ALA A 101 2.80 9.16 -26.02
CA ALA A 101 1.73 10.06 -25.54
C ALA A 101 0.36 9.51 -25.95
N ILE A 102 -0.64 9.68 -25.06
CA ILE A 102 -2.00 9.15 -25.27
C ILE A 102 -3.12 10.05 -24.65
N PRO A 103 -4.34 10.17 -25.27
CA PRO A 103 -5.39 10.98 -24.62
C PRO A 103 -5.86 10.38 -23.29
N ASP A 104 -6.38 11.24 -22.41
CA ASP A 104 -6.89 10.88 -21.09
C ASP A 104 -8.04 9.86 -21.23
N PRO A 105 -8.22 8.96 -20.25
CA PRO A 105 -9.34 8.01 -20.36
C PRO A 105 -10.65 8.66 -19.93
N SER A 106 -11.78 8.16 -20.49
CA SER A 106 -13.13 8.64 -20.17
C SER A 106 -13.47 8.49 -18.67
N TRP A 107 -12.72 7.64 -17.96
CA TRP A 107 -12.87 7.37 -16.52
C TRP A 107 -11.97 8.23 -15.61
N LYS A 108 -11.31 9.27 -16.17
CA LYS A 108 -10.40 10.16 -15.45
C LYS A 108 -11.08 10.89 -14.30
N ASP A 109 -12.42 10.99 -14.32
CA ASP A 109 -13.19 11.70 -13.30
C ASP A 109 -13.97 10.77 -12.41
N THR A 110 -13.86 9.47 -12.67
CA THR A 110 -14.47 8.44 -11.85
C THR A 110 -13.48 8.09 -10.76
N VAL A 111 -12.20 7.93 -11.13
CA VAL A 111 -11.12 7.60 -10.18
C VAL A 111 -10.79 8.84 -9.38
N LEU A 112 -10.02 8.69 -8.30
CA LEU A 112 -9.61 9.79 -7.43
C LEU A 112 -8.21 10.30 -7.85
N GLY A 113 -8.07 11.63 -7.83
CA GLY A 113 -6.86 12.38 -8.14
C GLY A 113 -6.11 11.97 -9.38
N PHE A 114 -6.84 11.79 -10.51
CA PHE A 114 -6.21 11.44 -11.79
C PHE A 114 -5.26 12.56 -12.25
N ARG A 115 -4.09 12.17 -12.81
CA ARG A 115 -3.11 13.11 -13.35
C ARG A 115 -2.12 12.43 -14.25
N LYS A 116 -1.40 13.23 -15.03
CA LYS A 116 -0.30 12.82 -15.89
C LYS A 116 0.91 12.66 -14.96
N LEU A 117 1.79 11.70 -15.27
CA LEU A 117 3.00 11.48 -14.48
C LEU A 117 4.00 12.58 -14.69
N THR A 118 4.68 13.01 -13.61
CA THR A 118 5.70 14.06 -13.67
C THR A 118 7.03 13.54 -14.28
N PRO A 119 7.94 14.43 -14.80
CA PRO A 119 9.23 13.95 -15.35
C PRO A 119 10.15 13.20 -14.38
N ARG A 120 10.09 13.52 -13.06
CA ARG A 120 10.91 12.86 -12.04
C ARG A 120 10.35 11.46 -11.74
N GLU A 121 9.04 11.30 -11.86
CA GLU A 121 8.44 9.97 -11.68
C GLU A 121 8.77 9.09 -12.88
N LEU A 122 8.69 9.64 -14.10
CA LEU A 122 9.04 8.93 -15.34
C LEU A 122 10.49 8.42 -15.36
N ASP A 123 11.39 9.07 -14.59
CA ASP A 123 12.79 8.67 -14.46
C ASP A 123 12.96 7.31 -13.77
N MET A 124 11.95 6.92 -12.98
CA MET A 124 11.91 5.66 -12.25
C MET A 124 11.62 4.49 -13.16
N PHE A 125 11.08 4.76 -14.38
CA PHE A 125 10.75 3.74 -15.40
C PHE A 125 11.45 4.10 -16.73
N PRO A 126 12.77 3.78 -16.85
CA PRO A 126 13.53 4.14 -18.08
C PRO A 126 12.97 3.69 -19.42
N ASP A 127 12.15 2.63 -19.43
CA ASP A 127 11.55 2.08 -20.64
C ASP A 127 10.32 2.84 -21.15
N TYR A 128 9.73 3.70 -20.30
CA TYR A 128 8.49 4.41 -20.63
C TYR A 128 8.64 5.92 -20.74
N GLY A 129 7.92 6.51 -21.69
CA GLY A 129 8.00 7.96 -21.94
C GLY A 129 6.87 8.78 -21.35
N TYR A 130 5.74 8.15 -21.14
CA TYR A 130 4.54 8.82 -20.65
C TYR A 130 3.77 7.89 -19.71
N GLY A 131 2.89 8.46 -18.92
CA GLY A 131 2.06 7.67 -18.02
C GLY A 131 1.09 8.47 -17.20
N TRP A 132 0.24 7.76 -16.47
CA TRP A 132 -0.79 8.29 -15.59
C TRP A 132 -0.50 7.92 -14.11
N PHE A 133 -1.14 8.63 -13.17
CA PHE A 133 -1.15 8.35 -11.72
C PHE A 133 -2.54 8.67 -11.21
N HIS A 134 -3.13 7.73 -10.42
CA HIS A 134 -4.43 7.91 -9.80
C HIS A 134 -4.61 6.94 -8.67
N THR A 135 -5.69 7.17 -7.91
CA THR A 135 -6.13 6.32 -6.82
C THR A 135 -7.41 5.63 -7.28
N SER A 136 -7.44 4.29 -7.19
CA SER A 136 -8.58 3.43 -7.56
C SER A 136 -8.88 2.46 -6.42
N LEU A 137 -9.54 1.34 -6.75
CA LEU A 137 -9.94 0.34 -5.79
C LEU A 137 -9.58 -1.04 -6.22
N ILE A 138 -9.29 -1.89 -5.22
CA ILE A 138 -9.10 -3.30 -5.40
C ILE A 138 -10.23 -3.97 -4.66
N LEU A 139 -10.82 -4.94 -5.33
CA LEU A 139 -11.89 -5.78 -4.83
C LEU A 139 -11.38 -7.18 -5.17
N GLU A 140 -10.69 -7.83 -4.23
CA GLU A 140 -10.09 -9.14 -4.45
C GLU A 140 -11.13 -10.21 -4.68
N GLY A 141 -11.04 -10.83 -5.86
CA GLY A 141 -11.95 -11.88 -6.33
C GLY A 141 -12.35 -12.91 -5.28
N LYS A 142 -11.38 -13.65 -4.70
CA LYS A 142 -11.65 -14.72 -3.73
C LYS A 142 -12.40 -14.23 -2.53
N ASN A 143 -11.90 -13.15 -1.93
CA ASN A 143 -12.45 -12.51 -0.74
C ASN A 143 -13.89 -12.02 -0.98
N TYR A 144 -14.13 -11.37 -2.13
CA TYR A 144 -15.45 -10.83 -2.50
C TYR A 144 -16.49 -11.95 -2.62
N LEU A 145 -16.13 -13.03 -3.33
CA LEU A 145 -16.90 -14.27 -3.54
C LEU A 145 -17.31 -14.88 -2.21
N GLN A 146 -16.46 -14.76 -1.17
CA GLN A 146 -16.74 -15.31 0.15
C GLN A 146 -17.76 -14.44 0.86
N TRP A 147 -17.70 -13.12 0.66
CA TRP A 147 -18.64 -12.16 1.23
C TRP A 147 -20.02 -12.32 0.57
N LEU A 148 -20.04 -12.48 -0.75
CA LEU A 148 -21.27 -12.66 -1.54
C LEU A 148 -21.90 -13.95 -1.15
N THR A 149 -21.08 -15.01 -0.93
CA THR A 149 -21.57 -16.33 -0.49
C THR A 149 -22.19 -16.20 0.89
N GLU A 150 -21.51 -15.54 1.85
CA GLU A 150 -22.09 -15.40 3.19
C GLU A 150 -23.33 -14.52 3.26
N ARG A 151 -23.45 -13.56 2.33
CA ARG A 151 -24.63 -12.70 2.19
C ARG A 151 -25.82 -13.55 1.66
N LEU A 152 -25.57 -14.36 0.62
CA LEU A 152 -26.50 -15.30 -0.02
C LEU A 152 -26.95 -16.39 0.96
N THR A 153 -26.00 -17.03 1.68
CA THR A 153 -26.27 -18.09 2.67
C THR A 153 -27.25 -17.62 3.78
N GLU A 154 -27.02 -16.40 4.32
CA GLU A 154 -27.87 -15.78 5.37
C GLU A 154 -29.30 -15.51 4.87
N ARG A 155 -29.43 -15.33 3.54
CA ARG A 155 -30.68 -15.08 2.84
C ARG A 155 -31.34 -16.38 2.37
N GLY A 156 -30.79 -17.51 2.83
CA GLY A 156 -31.31 -18.83 2.55
C GLY A 156 -31.16 -19.34 1.14
N VAL A 157 -30.24 -18.76 0.34
CA VAL A 157 -29.93 -19.21 -1.02
C VAL A 157 -29.11 -20.51 -0.92
N LYS A 158 -29.48 -21.56 -1.64
CA LYS A 158 -28.76 -22.84 -1.57
C LYS A 158 -27.83 -23.10 -2.75
N PHE A 159 -26.67 -23.72 -2.45
CA PHE A 159 -25.58 -23.98 -3.40
C PHE A 159 -25.51 -25.45 -3.76
N PHE A 160 -25.43 -25.77 -5.05
CA PHE A 160 -25.37 -27.17 -5.52
C PHE A 160 -24.28 -27.40 -6.55
N GLN A 161 -23.49 -28.50 -6.39
CA GLN A 161 -22.45 -28.83 -7.37
C GLN A 161 -23.12 -29.56 -8.55
N ARG A 162 -23.07 -28.93 -9.72
CA ARG A 162 -23.74 -29.46 -10.87
C ARG A 162 -23.14 -28.87 -12.11
N LYS A 163 -22.73 -29.75 -13.03
CA LYS A 163 -22.24 -29.41 -14.34
C LYS A 163 -23.48 -29.57 -15.21
N VAL A 164 -24.12 -28.44 -15.56
CA VAL A 164 -25.35 -28.40 -16.37
C VAL A 164 -25.00 -28.70 -17.82
N GLU A 165 -25.79 -29.59 -18.45
CA GLU A 165 -25.61 -30.03 -19.84
C GLU A 165 -26.44 -29.20 -20.82
N SER A 166 -27.62 -28.76 -20.37
CA SER A 166 -28.54 -27.97 -21.19
C SER A 166 -29.45 -27.15 -20.29
N PHE A 167 -30.07 -26.09 -20.87
CA PHE A 167 -31.03 -25.27 -20.14
C PHE A 167 -32.30 -26.09 -19.96
N GLU A 168 -32.58 -26.97 -20.93
CA GLU A 168 -33.72 -27.89 -20.91
C GLU A 168 -33.67 -28.86 -19.72
N GLU A 169 -32.44 -29.28 -19.30
CA GLU A 169 -32.17 -30.14 -18.13
C GLU A 169 -32.78 -29.55 -16.83
N VAL A 170 -32.53 -28.25 -16.63
CA VAL A 170 -32.90 -27.40 -15.49
C VAL A 170 -34.35 -26.90 -15.56
N ALA A 171 -34.87 -26.70 -16.76
CA ALA A 171 -36.25 -26.28 -17.00
C ALA A 171 -37.20 -27.43 -16.60
N ARG A 172 -36.74 -28.70 -16.84
CA ARG A 172 -37.47 -29.95 -16.56
C ARG A 172 -37.66 -30.23 -15.08
N GLU A 173 -36.68 -29.81 -14.23
CA GLU A 173 -36.82 -29.98 -12.78
C GLU A 173 -37.73 -28.94 -12.12
N GLY A 174 -38.16 -27.96 -12.91
CA GLY A 174 -39.09 -26.94 -12.42
C GLY A 174 -38.67 -25.49 -12.48
N ALA A 175 -37.54 -25.15 -13.16
CA ALA A 175 -37.11 -23.75 -13.22
C ALA A 175 -38.00 -22.87 -14.09
N ASP A 176 -38.48 -21.74 -13.53
CA ASP A 176 -39.32 -20.75 -14.22
C ASP A 176 -38.38 -19.80 -14.96
N VAL A 177 -37.29 -19.40 -14.27
CA VAL A 177 -36.22 -18.53 -14.77
C VAL A 177 -34.84 -19.12 -14.50
N ILE A 178 -34.00 -19.23 -15.55
CA ILE A 178 -32.59 -19.65 -15.46
C ILE A 178 -31.70 -18.40 -15.71
N VAL A 179 -30.77 -18.04 -14.78
CA VAL A 179 -29.83 -16.92 -14.99
C VAL A 179 -28.48 -17.52 -15.48
N ASN A 180 -28.11 -17.27 -16.75
CA ASN A 180 -26.89 -17.86 -17.35
C ASN A 180 -25.62 -17.07 -17.12
N CYS A 181 -24.86 -17.42 -16.05
CA CYS A 181 -23.62 -16.71 -15.71
C CYS A 181 -22.43 -17.69 -15.70
N THR A 182 -22.28 -18.38 -16.84
CA THR A 182 -21.28 -19.42 -17.12
C THR A 182 -19.90 -18.97 -17.65
N GLY A 183 -19.67 -17.66 -17.66
CA GLY A 183 -18.42 -17.05 -18.08
C GLY A 183 -17.96 -17.56 -19.42
N VAL A 184 -16.69 -17.95 -19.48
CA VAL A 184 -16.02 -18.50 -20.66
C VAL A 184 -16.59 -19.85 -21.21
N TRP A 185 -17.46 -20.55 -20.44
CA TRP A 185 -18.01 -21.85 -20.83
C TRP A 185 -19.43 -21.81 -21.41
N ALA A 186 -20.00 -20.59 -21.46
CA ALA A 186 -21.33 -20.29 -21.98
C ALA A 186 -21.65 -20.95 -23.36
N GLY A 187 -20.64 -21.11 -24.21
CA GLY A 187 -20.79 -21.72 -25.52
C GLY A 187 -21.27 -23.16 -25.49
N ALA A 188 -20.94 -23.91 -24.42
CA ALA A 188 -21.35 -25.32 -24.22
C ALA A 188 -22.87 -25.46 -24.13
N LEU A 189 -23.57 -24.50 -23.50
CA LEU A 189 -25.01 -24.52 -23.33
C LEU A 189 -25.75 -24.00 -24.59
N GLN A 190 -25.21 -22.94 -25.20
CA GLN A 190 -25.74 -22.35 -26.42
C GLN A 190 -24.57 -21.86 -27.24
N ARG A 191 -24.47 -22.32 -28.49
CA ARG A 191 -23.43 -21.98 -29.46
C ARG A 191 -23.26 -20.45 -29.55
N ASP A 192 -22.03 -19.97 -29.33
CA ASP A 192 -21.64 -18.56 -29.41
C ASP A 192 -20.15 -18.51 -29.78
N PRO A 193 -19.78 -18.55 -31.08
CA PRO A 193 -18.35 -18.54 -31.42
C PRO A 193 -17.65 -17.22 -31.16
N LEU A 194 -18.42 -16.16 -30.75
CA LEU A 194 -17.84 -14.85 -30.41
C LEU A 194 -17.16 -14.92 -29.03
N LEU A 195 -17.61 -15.88 -28.21
CA LEU A 195 -17.05 -16.10 -26.89
C LEU A 195 -15.81 -16.99 -27.05
N GLN A 196 -14.66 -16.42 -26.67
CA GLN A 196 -13.36 -17.09 -26.78
C GLN A 196 -12.58 -17.03 -25.49
N PRO A 197 -11.72 -18.04 -25.19
CA PRO A 197 -10.93 -17.96 -23.95
C PRO A 197 -9.75 -17.00 -24.12
N GLY A 198 -9.58 -16.09 -23.18
CA GLY A 198 -8.44 -15.19 -23.15
C GLY A 198 -7.54 -15.71 -22.06
N ARG A 199 -6.75 -16.75 -22.38
CA ARG A 199 -5.86 -17.40 -21.42
C ARG A 199 -4.97 -16.38 -20.73
N GLY A 200 -4.94 -16.47 -19.42
CA GLY A 200 -4.16 -15.62 -18.54
C GLY A 200 -3.49 -16.46 -17.50
N GLN A 201 -2.35 -15.98 -16.98
CA GLN A 201 -1.56 -16.63 -15.97
C GLN A 201 -1.01 -15.54 -15.09
N ILE A 202 -0.89 -15.82 -13.78
CA ILE A 202 -0.39 -14.86 -12.78
C ILE A 202 0.52 -15.58 -11.79
N MET A 203 1.34 -14.80 -11.05
CA MET A 203 2.23 -15.22 -9.97
C MET A 203 1.78 -14.47 -8.70
N LYS A 204 1.73 -15.16 -7.55
CA LYS A 204 1.36 -14.57 -6.27
C LYS A 204 2.62 -14.53 -5.44
N VAL A 205 3.12 -13.32 -5.21
CA VAL A 205 4.41 -13.10 -4.57
C VAL A 205 4.33 -12.34 -3.24
N ASP A 206 5.23 -12.67 -2.31
CA ASP A 206 5.28 -12.01 -1.01
C ASP A 206 6.29 -10.84 -1.04
N ALA A 207 5.75 -9.62 -1.22
CA ALA A 207 6.50 -8.36 -1.27
C ALA A 207 5.60 -7.29 -0.60
N PRO A 208 5.51 -7.31 0.76
CA PRO A 208 4.60 -6.38 1.46
C PRO A 208 5.07 -4.93 1.50
N TRP A 209 6.24 -4.67 0.91
CA TRP A 209 6.80 -3.32 0.79
C TRP A 209 6.21 -2.63 -0.43
N MET A 210 5.50 -3.37 -1.28
CA MET A 210 4.87 -2.84 -2.49
C MET A 210 3.50 -2.25 -2.12
N LYS A 211 3.34 -0.92 -2.27
CA LYS A 211 2.09 -0.20 -1.93
C LYS A 211 1.41 0.42 -3.17
N HIS A 212 2.00 0.22 -4.34
CA HIS A 212 1.44 0.81 -5.57
C HIS A 212 1.21 -0.23 -6.65
N PHE A 213 0.18 -0.06 -7.47
CA PHE A 213 0.02 -0.96 -8.60
C PHE A 213 0.88 -0.33 -9.71
N ILE A 214 1.48 -1.14 -10.59
CA ILE A 214 2.29 -0.68 -11.73
C ILE A 214 1.76 -1.48 -12.94
N LEU A 215 1.15 -0.79 -13.94
CA LEU A 215 0.65 -1.44 -15.17
C LEU A 215 1.36 -0.86 -16.38
N THR A 216 1.83 -1.72 -17.30
CA THR A 216 2.51 -1.29 -18.51
C THR A 216 1.61 -1.54 -19.69
N HIS A 217 1.83 -0.78 -20.78
CA HIS A 217 1.00 -0.90 -21.97
C HIS A 217 1.84 -0.88 -23.23
N ASP A 218 1.59 -1.84 -24.13
CA ASP A 218 2.29 -1.94 -25.40
C ASP A 218 1.34 -2.40 -26.52
N PRO A 219 1.07 -1.53 -27.53
CA PRO A 219 0.16 -1.93 -28.62
C PRO A 219 0.66 -3.10 -29.48
N GLU A 220 1.96 -3.38 -29.46
CA GLU A 220 2.60 -4.45 -30.23
C GLU A 220 2.53 -5.84 -29.57
N ARG A 221 2.10 -5.88 -28.29
CA ARG A 221 1.91 -7.09 -27.47
CA ARG A 221 1.87 -7.13 -27.59
C ARG A 221 0.40 -7.27 -27.28
N GLY A 222 -0.32 -6.14 -27.26
CA GLY A 222 -1.76 -6.07 -27.05
C GLY A 222 -2.14 -5.97 -25.59
N ILE A 223 -3.40 -5.69 -25.30
CA ILE A 223 -3.88 -5.60 -23.92
C ILE A 223 -3.58 -6.81 -23.04
N TYR A 224 -3.35 -6.54 -21.76
CA TYR A 224 -3.15 -7.54 -20.69
C TYR A 224 -1.93 -8.41 -20.99
N ASN A 225 -1.25 -8.16 -22.13
CA ASN A 225 -0.09 -8.91 -22.56
C ASN A 225 1.23 -8.20 -22.24
N SER A 226 1.17 -7.27 -21.30
CA SER A 226 2.32 -6.49 -20.86
C SER A 226 2.41 -6.57 -19.33
N PRO A 227 3.64 -6.56 -18.75
CA PRO A 227 3.77 -6.68 -17.27
C PRO A 227 2.91 -5.76 -16.41
N TYR A 228 2.32 -6.35 -15.36
CA TYR A 228 1.54 -5.65 -14.35
C TYR A 228 1.80 -6.19 -12.98
N ILE A 229 1.80 -5.29 -11.98
CA ILE A 229 2.11 -5.59 -10.58
C ILE A 229 1.02 -4.97 -9.76
N ILE A 230 0.19 -5.81 -9.13
CA ILE A 230 -0.91 -5.34 -8.32
C ILE A 230 -0.86 -5.87 -6.87
N PRO A 231 -0.47 -5.04 -5.88
CA PRO A 231 -0.46 -5.55 -4.50
C PRO A 231 -1.88 -5.82 -4.00
N GLY A 232 -2.02 -6.93 -3.29
CA GLY A 232 -3.28 -7.32 -2.68
C GLY A 232 -3.26 -7.10 -1.19
N THR A 233 -4.09 -7.82 -0.47
CA THR A 233 -4.15 -7.68 0.98
C THR A 233 -2.93 -8.28 1.68
N GLN A 234 -2.67 -9.57 1.44
CA GLN A 234 -1.56 -10.28 2.04
C GLN A 234 -0.49 -10.72 1.01
N THR A 235 -0.73 -10.48 -0.29
CA THR A 235 0.15 -10.94 -1.37
C THR A 235 0.15 -10.02 -2.60
N VAL A 236 1.21 -10.09 -3.42
CA VAL A 236 1.29 -9.28 -4.63
C VAL A 236 1.07 -10.13 -5.88
N THR A 237 0.21 -9.62 -6.79
CA THR A 237 -0.08 -10.23 -8.08
C THR A 237 0.87 -9.69 -9.15
N LEU A 238 1.54 -10.64 -9.82
CA LEU A 238 2.45 -10.46 -10.96
C LEU A 238 1.75 -11.13 -12.16
N GLY A 239 1.57 -10.40 -13.25
CA GLY A 239 0.93 -10.93 -14.45
C GLY A 239 1.33 -10.22 -15.72
N GLY A 240 0.59 -10.49 -16.78
CA GLY A 240 0.84 -9.89 -18.08
C GLY A 240 0.75 -10.87 -19.22
N ILE A 241 -0.13 -11.89 -19.12
CA ILE A 241 -0.30 -12.87 -20.20
C ILE A 241 -1.70 -12.92 -20.77
N PHE A 242 -1.81 -12.81 -22.10
CA PHE A 242 -3.09 -12.83 -22.82
C PHE A 242 -2.94 -13.71 -24.04
N GLN A 243 -3.65 -14.85 -24.03
CA GLN A 243 -3.58 -15.78 -25.12
C GLN A 243 -4.96 -16.20 -25.65
N LEU A 244 -5.45 -15.46 -26.68
CA LEU A 244 -6.75 -15.65 -27.34
C LEU A 244 -6.85 -16.99 -28.04
N GLY A 245 -7.81 -17.81 -27.62
CA GLY A 245 -8.05 -19.13 -28.18
C GLY A 245 -7.38 -20.29 -27.47
N ASN A 246 -6.57 -19.99 -26.42
CA ASN A 246 -5.87 -21.04 -25.65
C ASN A 246 -6.69 -21.55 -24.46
N TRP A 247 -6.98 -22.85 -24.49
CA TRP A 247 -7.77 -23.58 -23.48
C TRP A 247 -6.94 -24.43 -22.48
N SER A 248 -5.63 -24.22 -22.39
CA SER A 248 -4.81 -24.98 -21.45
C SER A 248 -4.96 -24.42 -20.02
N GLU A 249 -5.40 -25.25 -19.04
CA GLU A 249 -5.53 -24.79 -17.63
C GLU A 249 -4.29 -25.08 -16.79
N LEU A 250 -3.22 -25.52 -17.46
CA LEU A 250 -1.96 -25.86 -16.86
C LEU A 250 -1.09 -24.63 -16.77
N ASN A 251 -0.26 -24.52 -15.74
CA ASN A 251 0.67 -23.40 -15.61
C ASN A 251 1.84 -23.73 -16.53
N ASN A 252 2.13 -22.81 -17.46
CA ASN A 252 3.20 -22.88 -18.44
C ASN A 252 4.47 -22.25 -17.87
N ILE A 253 5.63 -22.89 -18.12
CA ILE A 253 6.94 -22.44 -17.63
C ILE A 253 7.41 -21.19 -18.35
N GLN A 254 7.18 -21.11 -19.67
CA GLN A 254 7.55 -19.93 -20.47
C GLN A 254 6.76 -18.70 -19.99
N ASP A 255 5.49 -18.90 -19.64
CA ASP A 255 4.68 -17.80 -19.12
C ASP A 255 5.17 -17.38 -17.73
N HIS A 256 5.57 -18.35 -16.87
CA HIS A 256 6.15 -18.15 -15.54
C HIS A 256 7.42 -17.25 -15.66
N ASN A 257 8.40 -17.65 -16.52
CA ASN A 257 9.62 -16.92 -16.85
C ASN A 257 9.36 -15.49 -17.37
N THR A 258 8.48 -15.36 -18.41
CA THR A 258 8.04 -14.08 -19.01
C THR A 258 7.37 -13.17 -17.94
N ILE A 259 6.53 -13.73 -17.05
CA ILE A 259 5.91 -12.96 -15.96
C ILE A 259 6.99 -12.44 -15.00
N TRP A 260 7.90 -13.34 -14.57
CA TRP A 260 8.98 -13.06 -13.61
C TRP A 260 10.03 -12.11 -14.11
N GLU A 261 10.50 -12.34 -15.34
CA GLU A 261 11.52 -11.49 -15.94
C GLU A 261 10.95 -10.13 -16.23
N GLY A 262 9.75 -10.10 -16.81
CA GLY A 262 9.06 -8.86 -17.14
C GLY A 262 8.78 -8.00 -15.91
N CYS A 263 8.35 -8.62 -14.79
CA CYS A 263 8.06 -7.86 -13.58
C CYS A 263 9.26 -7.41 -12.76
N CYS A 264 10.34 -8.22 -12.75
CA CYS A 264 11.62 -7.88 -12.10
C CYS A 264 12.36 -6.76 -12.86
N ARG A 265 12.17 -6.64 -14.20
CA ARG A 265 12.77 -5.57 -15.03
C ARG A 265 12.09 -4.23 -14.65
N LEU A 266 10.75 -4.24 -14.56
CA LEU A 266 9.89 -3.13 -14.14
C LEU A 266 10.17 -2.71 -12.67
N GLU A 267 10.16 -3.69 -11.75
CA GLU A 267 10.37 -3.47 -10.32
C GLU A 267 11.46 -4.42 -9.79
N PRO A 268 12.74 -3.95 -9.67
CA PRO A 268 13.84 -4.86 -9.26
C PRO A 268 13.82 -5.39 -7.83
N THR A 269 13.04 -4.75 -6.92
CA THR A 269 12.96 -5.23 -5.53
C THR A 269 12.26 -6.59 -5.48
N LEU A 270 11.51 -6.91 -6.54
CA LEU A 270 10.73 -8.15 -6.68
C LEU A 270 11.63 -9.40 -6.76
N LYS A 271 12.94 -9.22 -7.05
CA LYS A 271 13.93 -10.29 -7.15
C LYS A 271 14.05 -11.12 -5.87
N ASN A 272 13.90 -10.46 -4.72
CA ASN A 272 13.97 -11.05 -3.37
C ASN A 272 12.62 -11.58 -2.87
N ALA A 273 11.51 -11.21 -3.52
CA ALA A 273 10.17 -11.67 -3.17
C ALA A 273 10.07 -13.19 -3.33
N ARG A 274 9.32 -13.85 -2.42
CA ARG A 274 9.13 -15.29 -2.44
C ARG A 274 7.84 -15.64 -3.16
N ILE A 275 7.94 -16.50 -4.20
CA ILE A 275 6.79 -16.97 -5.01
C ILE A 275 5.92 -17.94 -4.19
N ILE A 276 4.71 -17.51 -3.80
CA ILE A 276 3.74 -18.28 -3.02
C ILE A 276 2.97 -19.22 -3.94
N GLY A 277 2.46 -18.72 -5.05
CA GLY A 277 1.70 -19.54 -5.96
C GLY A 277 1.48 -18.94 -7.32
N GLU A 278 0.81 -19.70 -8.17
CA GLU A 278 0.55 -19.35 -9.53
C GLU A 278 -0.73 -19.96 -9.95
N ARG A 279 -1.43 -19.25 -10.81
CA ARG A 279 -2.66 -19.74 -11.34
C ARG A 279 -2.86 -19.39 -12.80
N THR A 280 -3.76 -20.13 -13.45
CA THR A 280 -4.19 -19.92 -14.83
C THR A 280 -5.70 -19.69 -14.80
N GLY A 281 -6.16 -18.77 -15.63
CA GLY A 281 -7.56 -18.40 -15.77
C GLY A 281 -7.91 -17.96 -17.17
N PHE A 282 -9.12 -18.30 -17.61
CA PHE A 282 -9.61 -17.95 -18.95
C PHE A 282 -10.59 -16.82 -18.85
N ARG A 283 -10.20 -15.67 -19.38
CA ARG A 283 -11.02 -14.49 -19.47
C ARG A 283 -12.17 -14.80 -20.44
N PRO A 284 -13.45 -14.47 -20.11
CA PRO A 284 -14.55 -14.73 -21.05
C PRO A 284 -14.60 -13.62 -22.11
N VAL A 285 -13.66 -13.69 -23.07
CA VAL A 285 -13.54 -12.70 -24.14
C VAL A 285 -14.71 -12.80 -25.11
N ARG A 286 -15.43 -11.69 -25.30
CA ARG A 286 -16.49 -11.50 -26.30
C ARG A 286 -16.39 -10.02 -26.71
N PRO A 287 -16.55 -9.59 -28.00
CA PRO A 287 -16.44 -8.14 -28.31
C PRO A 287 -17.37 -7.22 -27.47
N GLN A 288 -18.52 -7.74 -27.07
CA GLN A 288 -19.46 -7.07 -26.17
C GLN A 288 -20.11 -8.09 -25.28
N ILE A 289 -20.52 -7.64 -24.10
CA ILE A 289 -21.15 -8.47 -23.09
C ILE A 289 -22.46 -9.01 -23.64
N ARG A 290 -22.77 -10.28 -23.30
CA ARG A 290 -24.06 -10.88 -23.65
C ARG A 290 -24.95 -10.78 -22.37
N LEU A 291 -25.80 -9.74 -22.31
CA LEU A 291 -26.75 -9.45 -21.24
C LEU A 291 -28.09 -9.20 -21.88
N GLU A 292 -28.92 -10.25 -21.96
CA GLU A 292 -30.25 -10.22 -22.61
CA GLU A 292 -30.26 -10.20 -22.59
C GLU A 292 -31.16 -11.38 -22.17
N ARG A 293 -32.47 -11.24 -22.40
CA ARG A 293 -33.48 -12.24 -22.11
C ARG A 293 -33.71 -13.11 -23.34
N GLU A 294 -34.04 -14.39 -23.12
CA GLU A 294 -34.31 -15.37 -24.18
C GLU A 294 -35.29 -16.43 -23.67
N GLN A 295 -36.41 -16.61 -24.36
CA GLN A 295 -37.40 -17.59 -23.97
C GLN A 295 -37.08 -18.99 -24.53
N LEU A 296 -37.37 -20.01 -23.71
CA LEU A 296 -37.21 -21.43 -23.99
C LEU A 296 -38.60 -22.09 -24.07
N ARG A 297 -38.74 -23.11 -24.92
CA ARG A 297 -40.02 -23.79 -25.05
C ARG A 297 -40.35 -25.04 -24.23
N THR A 298 -39.32 -25.84 -23.91
CA THR A 298 -39.31 -27.09 -23.14
C THR A 298 -40.29 -27.13 -21.94
N GLY A 299 -41.30 -27.99 -22.08
CA GLY A 299 -42.34 -28.21 -21.08
C GLY A 299 -43.58 -27.33 -21.24
N PRO A 300 -44.80 -27.82 -20.82
CA PRO A 300 -46.01 -26.98 -20.93
C PRO A 300 -45.97 -25.75 -20.02
N SER A 301 -44.88 -25.64 -19.23
CA SER A 301 -44.56 -24.54 -18.32
C SER A 301 -43.56 -23.61 -19.00
N ASN A 302 -43.73 -22.30 -18.82
CA ASN A 302 -42.83 -21.31 -19.41
C ASN A 302 -41.47 -21.25 -18.69
N THR A 303 -40.38 -21.13 -19.46
CA THR A 303 -39.00 -21.08 -18.98
C THR A 303 -38.16 -19.98 -19.70
N GLU A 304 -37.76 -18.98 -18.92
CA GLU A 304 -37.00 -17.85 -19.42
C GLU A 304 -35.54 -17.87 -18.99
N VAL A 305 -34.65 -17.51 -19.91
CA VAL A 305 -33.21 -17.42 -19.61
C VAL A 305 -32.75 -15.96 -19.68
N ILE A 306 -32.06 -15.49 -18.62
CA ILE A 306 -31.37 -14.21 -18.59
C ILE A 306 -29.86 -14.53 -18.80
N HIS A 307 -29.27 -14.09 -19.92
CA HIS A 307 -27.82 -14.30 -20.17
C HIS A 307 -27.07 -13.15 -19.50
N ASN A 308 -25.85 -13.41 -18.98
CA ASN A 308 -24.95 -12.42 -18.32
C ASN A 308 -23.54 -13.01 -18.36
N TYR A 309 -22.89 -12.92 -19.53
CA TYR A 309 -21.57 -13.54 -19.71
C TYR A 309 -20.72 -12.83 -20.72
N GLY A 310 -19.41 -13.04 -20.61
CA GLY A 310 -18.45 -12.49 -21.56
C GLY A 310 -17.96 -11.12 -21.19
N HIS A 311 -17.37 -11.03 -19.99
CA HIS A 311 -16.83 -9.82 -19.36
C HIS A 311 -15.34 -9.63 -19.49
N GLY A 312 -14.71 -10.46 -20.32
CA GLY A 312 -13.29 -10.43 -20.62
C GLY A 312 -12.41 -10.22 -19.40
N GLY A 313 -11.58 -9.17 -19.42
CA GLY A 313 -10.65 -8.88 -18.32
C GLY A 313 -11.16 -7.93 -17.26
N TYR A 314 -12.41 -7.48 -17.39
CA TYR A 314 -12.96 -6.36 -16.63
C TYR A 314 -14.24 -6.68 -15.87
N GLY A 315 -14.43 -7.96 -15.54
CA GLY A 315 -15.59 -8.46 -14.81
C GLY A 315 -15.82 -7.79 -13.48
N LEU A 316 -14.79 -7.72 -12.63
CA LEU A 316 -14.94 -7.08 -11.31
CA LEU A 316 -14.98 -7.07 -11.32
C LEU A 316 -15.22 -5.58 -11.49
N THR A 317 -14.58 -4.97 -12.51
CA THR A 317 -14.70 -3.55 -12.85
C THR A 317 -16.12 -3.14 -13.22
N ILE A 318 -16.85 -4.02 -13.93
CA ILE A 318 -18.18 -3.82 -14.50
C ILE A 318 -19.39 -4.58 -13.83
N HIS A 319 -19.12 -5.64 -13.03
CA HIS A 319 -20.11 -6.54 -12.41
C HIS A 319 -21.38 -5.96 -11.88
N TRP A 320 -21.29 -4.96 -10.99
CA TRP A 320 -22.47 -4.38 -10.34
C TRP A 320 -23.51 -3.79 -11.27
N GLY A 321 -23.06 -3.05 -12.28
CA GLY A 321 -23.91 -2.46 -13.30
C GLY A 321 -24.64 -3.53 -14.09
N CYS A 322 -23.93 -4.65 -14.38
CA CYS A 322 -24.47 -5.82 -15.06
C CYS A 322 -25.43 -6.59 -14.19
N ALA A 323 -25.14 -6.72 -12.87
CA ALA A 323 -26.02 -7.45 -11.94
C ALA A 323 -27.36 -6.75 -11.74
N LEU A 324 -27.38 -5.41 -11.80
CA LEU A 324 -28.58 -4.55 -11.69
C LEU A 324 -29.38 -4.57 -12.99
N GLU A 325 -28.69 -4.58 -14.14
CA GLU A 325 -29.40 -4.65 -15.41
C GLU A 325 -30.04 -6.07 -15.55
N ALA A 326 -29.42 -7.12 -14.97
CA ALA A 326 -29.95 -8.50 -15.03
C ALA A 326 -31.14 -8.63 -14.08
N ALA A 327 -31.12 -7.87 -12.96
CA ALA A 327 -32.24 -7.83 -12.00
C ALA A 327 -33.43 -7.11 -12.64
N LYS A 328 -33.16 -6.02 -13.39
CA LYS A 328 -34.21 -5.26 -14.11
C LYS A 328 -34.88 -6.10 -15.21
N LEU A 329 -34.09 -6.96 -15.89
CA LEU A 329 -34.60 -7.89 -16.90
C LEU A 329 -35.47 -8.97 -16.23
N PHE A 330 -35.13 -9.35 -14.97
CA PHE A 330 -35.92 -10.29 -14.17
C PHE A 330 -37.28 -9.65 -13.84
N GLY A 331 -37.24 -8.33 -13.58
CA GLY A 331 -38.40 -7.50 -13.27
C GLY A 331 -39.30 -7.32 -14.47
N ARG A 332 -38.72 -7.37 -15.69
CA ARG A 332 -39.46 -7.29 -16.93
C ARG A 332 -40.22 -8.61 -17.18
N ILE A 333 -39.67 -9.76 -16.73
CA ILE A 333 -40.32 -11.09 -16.81
C ILE A 333 -41.58 -11.07 -15.89
N LEU A 334 -41.46 -10.52 -14.66
CA LEU A 334 -42.61 -10.43 -13.72
C LEU A 334 -43.72 -9.50 -14.23
N GLU A 335 -43.37 -8.31 -14.76
CA GLU A 335 -44.36 -7.40 -15.32
C GLU A 335 -44.96 -7.86 -16.69
N GLU A 336 -44.40 -8.94 -17.27
CA GLU A 336 -44.86 -9.55 -18.52
C GLU A 336 -45.74 -10.75 -18.18
N LYS A 337 -45.27 -11.65 -17.27
CA LYS A 337 -46.01 -12.82 -16.83
C LYS A 337 -47.11 -12.43 -15.82
N LYS A 338 -47.18 -11.12 -15.48
CA LYS A 338 -48.15 -10.52 -14.54
C LYS A 338 -47.97 -11.15 -13.15
N LEU A 339 -46.85 -10.80 -12.48
CA LEU A 339 -46.46 -11.32 -11.16
C LEU A 339 -45.73 -10.26 -10.28
N SER A 340 -45.96 -8.95 -10.52
CA SER A 340 -45.34 -7.85 -9.74
C SER A 340 -46.34 -6.72 -9.41
N MET B 1 44.24 5.96 14.98
CA MET B 1 43.19 6.92 15.38
C MET B 1 42.08 6.20 16.15
N ARG B 2 41.87 6.54 17.45
CA ARG B 2 40.82 5.94 18.27
C ARG B 2 39.55 6.82 18.29
N VAL B 3 38.39 6.26 17.86
CA VAL B 3 37.09 6.96 17.77
C VAL B 3 36.01 6.16 18.56
N VAL B 4 35.24 6.86 19.43
CA VAL B 4 34.16 6.28 20.21
C VAL B 4 32.88 7.07 19.94
N VAL B 5 31.92 6.39 19.33
CA VAL B 5 30.59 6.90 19.06
C VAL B 5 29.77 6.41 20.24
N ILE B 6 29.12 7.35 20.96
CA ILE B 6 28.28 6.92 22.07
C ILE B 6 26.84 6.87 21.56
N GLY B 7 26.22 5.71 21.66
CA GLY B 7 24.84 5.48 21.24
C GLY B 7 24.71 4.64 19.99
N ALA B 8 23.68 3.78 19.94
CA ALA B 8 23.44 2.89 18.81
C ALA B 8 22.09 3.13 18.09
N GLY B 9 21.46 4.28 18.32
CA GLY B 9 20.22 4.68 17.65
C GLY B 9 20.49 5.06 16.20
N VAL B 10 19.49 5.62 15.49
CA VAL B 10 19.69 6.02 14.08
C VAL B 10 20.90 6.91 13.88
N ILE B 11 21.01 8.00 14.66
CA ILE B 11 22.08 8.99 14.57
C ILE B 11 23.49 8.42 14.73
N GLY B 12 23.74 7.72 15.84
CA GLY B 12 25.05 7.12 16.14
C GLY B 12 25.56 6.16 15.08
N LEU B 13 24.74 5.19 14.71
CA LEU B 13 25.11 4.18 13.72
C LEU B 13 25.35 4.71 12.32
N SER B 14 24.58 5.73 11.91
CA SER B 14 24.71 6.34 10.59
C SER B 14 25.90 7.30 10.56
N THR B 15 26.16 8.00 11.69
CA THR B 15 27.31 8.90 11.77
C THR B 15 28.55 8.01 11.76
N ALA B 16 28.53 6.92 12.58
CA ALA B 16 29.63 5.95 12.61
C ALA B 16 29.87 5.37 11.20
N LEU B 17 28.80 4.92 10.47
CA LEU B 17 28.94 4.42 9.09
C LEU B 17 29.44 5.45 8.10
N CYS B 18 28.85 6.66 8.10
CA CYS B 18 29.20 7.76 7.21
C CYS B 18 30.67 8.14 7.35
N ILE B 19 31.16 8.30 8.62
CA ILE B 19 32.56 8.63 8.96
C ILE B 19 33.50 7.51 8.52
N HIS B 20 33.14 6.23 8.84
CA HIS B 20 33.94 5.05 8.48
C HIS B 20 34.03 4.87 6.96
N GLU B 21 32.95 5.17 6.22
CA GLU B 21 33.05 5.01 4.76
C GLU B 21 33.81 6.14 4.07
N ARG B 22 33.73 7.36 4.62
CA ARG B 22 34.38 8.54 4.03
C ARG B 22 35.78 8.84 4.55
N TYR B 23 36.19 8.24 5.68
CA TYR B 23 37.52 8.49 6.23
C TYR B 23 38.42 7.28 6.52
N HIS B 24 37.87 6.04 6.51
CA HIS B 24 38.71 4.86 6.75
C HIS B 24 39.50 4.46 5.51
N SER B 25 40.73 4.98 5.43
CA SER B 25 41.66 4.71 4.35
C SER B 25 42.88 4.01 4.94
N VAL B 26 43.80 3.55 4.07
CA VAL B 26 45.05 2.92 4.48
C VAL B 26 46.00 4.01 5.04
N LEU B 27 45.73 5.27 4.63
CA LEU B 27 46.42 6.48 5.06
C LEU B 27 45.79 6.99 6.37
N GLN B 28 44.60 6.45 6.74
CA GLN B 28 43.89 6.80 7.97
C GLN B 28 43.36 5.57 8.74
N PRO B 29 44.23 4.81 9.46
CA PRO B 29 43.74 3.64 10.21
C PRO B 29 42.79 3.99 11.37
N LEU B 30 41.47 3.89 11.13
CA LEU B 30 40.46 4.24 12.13
C LEU B 30 40.04 3.08 13.03
N ASP B 31 40.15 3.30 14.35
CA ASP B 31 39.68 2.34 15.34
C ASP B 31 38.35 2.87 15.88
N ILE B 32 37.25 2.57 15.17
CA ILE B 32 35.90 2.99 15.56
C ILE B 32 35.28 1.99 16.56
N LYS B 33 34.71 2.52 17.66
CA LYS B 33 34.02 1.74 18.69
C LYS B 33 32.62 2.30 19.00
N VAL B 34 31.61 1.42 19.10
CA VAL B 34 30.25 1.80 19.47
C VAL B 34 29.97 1.44 20.91
N TYR B 35 29.62 2.47 21.70
CA TYR B 35 29.32 2.38 23.13
C TYR B 35 27.84 2.73 23.28
N ALA B 36 27.04 1.80 23.86
CA ALA B 36 25.62 2.03 24.02
C ALA B 36 25.03 1.32 25.22
N ASP B 37 23.98 1.90 25.78
CA ASP B 37 23.27 1.39 26.95
C ASP B 37 22.08 0.53 26.53
N ARG B 38 21.56 0.76 25.31
CA ARG B 38 20.42 0.08 24.71
C ARG B 38 20.73 -0.07 23.22
N PHE B 39 20.47 -1.28 22.67
CA PHE B 39 20.76 -1.57 21.27
C PHE B 39 19.55 -1.81 20.42
N THR B 40 19.82 -2.20 19.16
CA THR B 40 18.91 -2.50 18.04
C THR B 40 17.46 -2.83 18.31
N PRO B 41 17.00 -3.73 19.22
CA PRO B 41 15.52 -3.88 19.35
C PRO B 41 14.85 -2.88 20.32
N LEU B 42 15.63 -2.29 21.26
CA LEU B 42 15.15 -1.43 22.35
C LEU B 42 15.61 0.04 22.37
N THR B 43 15.53 0.75 21.24
CA THR B 43 15.86 2.19 21.21
C THR B 43 14.62 3.01 20.79
N THR B 44 14.73 4.35 20.83
CA THR B 44 13.68 5.26 20.38
C THR B 44 13.58 5.20 18.84
N THR B 45 14.68 4.83 18.15
CA THR B 45 14.72 4.69 16.69
C THR B 45 13.76 3.58 16.21
N ASP B 46 13.65 2.50 16.98
CA ASP B 46 12.78 1.37 16.70
C ASP B 46 11.31 1.74 16.70
N VAL B 47 10.91 2.62 17.64
CA VAL B 47 9.56 3.14 17.83
C VAL B 47 9.06 3.92 16.59
N ALA B 48 9.99 4.51 15.83
CA ALA B 48 9.64 5.30 14.66
C ALA B 48 9.18 4.46 13.46
N ALA B 49 8.09 4.93 12.80
CA ALA B 49 7.54 4.28 11.60
C ALA B 49 8.57 4.36 10.48
N GLY B 50 9.25 5.49 10.39
CA GLY B 50 10.30 5.74 9.42
C GLY B 50 9.87 6.51 8.20
N LEU B 51 8.72 7.19 8.27
CA LEU B 51 8.22 8.01 7.17
C LEU B 51 9.06 9.27 7.06
N TRP B 52 9.44 9.61 5.83
CA TRP B 52 10.17 10.82 5.50
C TRP B 52 9.17 11.97 5.41
N GLN B 53 9.24 12.89 6.38
CA GLN B 53 8.42 14.09 6.43
C GLN B 53 8.90 15.08 7.45
N PRO B 54 9.47 16.20 6.97
CA PRO B 54 9.94 17.25 7.89
C PRO B 54 8.76 18.04 8.46
N TYR B 55 9.05 18.99 9.38
CA TYR B 55 8.08 19.89 10.04
C TYR B 55 7.16 20.58 9.01
N LEU B 56 5.94 20.90 9.44
CA LEU B 56 4.95 21.60 8.62
C LEU B 56 5.38 23.08 8.51
N SER B 57 5.88 23.65 9.64
CA SER B 57 6.37 25.01 9.77
C SER B 57 7.90 24.99 9.61
N ASP B 58 8.46 25.92 8.82
CA ASP B 58 9.90 26.05 8.54
C ASP B 58 10.80 26.24 9.78
N PRO B 59 11.99 25.58 9.83
CA PRO B 59 12.87 25.73 11.00
C PRO B 59 13.58 27.07 11.08
N ASN B 60 14.19 27.36 12.24
CA ASN B 60 14.97 28.57 12.50
C ASN B 60 16.33 28.48 11.78
N ASN B 61 16.83 27.24 11.58
CA ASN B 61 18.10 26.95 10.90
C ASN B 61 17.85 26.44 9.46
N PRO B 62 18.35 27.15 8.42
CA PRO B 62 18.10 26.72 7.03
C PRO B 62 18.98 25.57 6.52
N GLN B 63 19.99 25.15 7.31
CA GLN B 63 20.86 24.01 6.99
C GLN B 63 20.08 22.69 7.08
N GLU B 64 19.02 22.68 7.91
CA GLU B 64 18.13 21.57 8.22
C GLU B 64 17.27 21.15 7.05
N ALA B 65 16.82 22.13 6.22
CA ALA B 65 16.02 21.82 5.03
C ALA B 65 16.91 21.10 4.03
N ASP B 66 18.20 21.50 3.96
CA ASP B 66 19.22 20.89 3.10
C ASP B 66 19.54 19.47 3.53
N TRP B 67 19.68 19.23 4.86
CA TRP B 67 19.96 17.89 5.41
C TRP B 67 18.78 16.93 5.21
N SER B 68 17.53 17.42 5.33
CA SER B 68 16.32 16.64 5.13
C SER B 68 16.17 16.26 3.65
N GLN B 69 16.39 17.23 2.73
CA GLN B 69 16.34 17.04 1.28
C GLN B 69 17.41 16.05 0.87
N GLN B 70 18.65 16.24 1.38
CA GLN B 70 19.80 15.36 1.11
C GLN B 70 19.56 13.93 1.51
N THR B 71 18.79 13.69 2.60
CA THR B 71 18.43 12.35 3.05
C THR B 71 17.46 11.74 2.04
N PHE B 72 16.44 12.52 1.58
CA PHE B 72 15.45 12.03 0.62
C PHE B 72 16.08 11.59 -0.68
N ASP B 73 16.86 12.47 -1.32
CA ASP B 73 17.51 12.20 -2.60
C ASP B 73 18.39 10.96 -2.55
N TYR B 74 19.11 10.75 -1.42
CA TYR B 74 19.97 9.60 -1.19
C TYR B 74 19.12 8.31 -1.14
N LEU B 75 18.11 8.29 -0.25
CA LEU B 75 17.20 7.14 -0.09
C LEU B 75 16.47 6.75 -1.36
N LEU B 76 15.97 7.75 -2.11
CA LEU B 76 15.28 7.51 -3.40
C LEU B 76 16.16 6.77 -4.41
N SER B 77 17.43 7.14 -4.55
CA SER B 77 18.37 6.50 -5.47
C SER B 77 18.70 5.02 -5.13
N HIS B 78 18.34 4.56 -3.90
CA HIS B 78 18.55 3.19 -3.39
C HIS B 78 17.21 2.46 -3.15
N VAL B 79 16.11 3.08 -3.56
CA VAL B 79 14.77 2.56 -3.33
C VAL B 79 14.40 1.32 -4.18
N HIS B 80 15.06 1.13 -5.33
CA HIS B 80 14.84 -0.02 -6.23
C HIS B 80 16.01 -1.00 -6.17
N SER B 81 16.99 -0.70 -5.30
CA SER B 81 18.24 -1.44 -5.10
C SER B 81 18.09 -2.86 -4.54
N PRO B 82 19.11 -3.76 -4.76
CA PRO B 82 19.03 -5.12 -4.19
C PRO B 82 19.02 -5.20 -2.65
N ASN B 83 19.34 -4.11 -1.95
CA ASN B 83 19.39 -4.09 -0.49
C ASN B 83 18.18 -3.44 0.22
N ALA B 84 17.31 -2.73 -0.56
CA ALA B 84 16.11 -1.99 -0.10
C ALA B 84 15.31 -2.67 1.03
N GLU B 85 15.02 -3.97 0.84
CA GLU B 85 14.25 -4.88 1.70
C GLU B 85 14.87 -5.05 3.10
N ASN B 86 16.19 -5.16 3.21
CA ASN B 86 16.87 -5.28 4.51
C ASN B 86 16.82 -3.96 5.32
N LEU B 87 17.03 -2.81 4.64
CA LEU B 87 16.95 -1.45 5.24
C LEU B 87 15.56 -1.12 5.73
N GLY B 88 14.55 -1.74 5.12
CA GLY B 88 13.16 -1.45 5.40
C GLY B 88 12.75 -0.19 4.64
N LEU B 89 13.30 -0.05 3.41
CA LEU B 89 13.12 1.11 2.51
C LEU B 89 12.09 0.81 1.41
N PHE B 90 11.06 1.69 1.25
CA PHE B 90 10.02 1.57 0.20
C PHE B 90 9.27 2.89 -0.07
N LEU B 91 8.71 3.03 -1.28
CA LEU B 91 7.93 4.19 -1.68
C LEU B 91 6.50 4.07 -1.17
N ILE B 92 5.93 5.20 -0.76
CA ILE B 92 4.54 5.24 -0.27
C ILE B 92 3.87 6.58 -0.61
N SER B 93 2.58 6.55 -0.88
CA SER B 93 1.78 7.75 -1.16
C SER B 93 0.80 8.00 -0.02
N GLY B 94 0.29 9.20 0.06
CA GLY B 94 -0.69 9.45 1.10
C GLY B 94 -1.16 10.87 1.29
N TYR B 95 -1.94 11.01 2.33
CA TYR B 95 -2.75 12.16 2.71
C TYR B 95 -2.20 13.02 3.83
N ASN B 96 -2.28 14.34 3.64
CA ASN B 96 -1.96 15.32 4.65
C ASN B 96 -3.23 16.14 4.85
N LEU B 97 -3.86 15.99 6.03
CA LEU B 97 -5.14 16.66 6.34
C LEU B 97 -5.04 17.91 7.22
N PHE B 98 -5.83 18.96 6.89
CA PHE B 98 -5.88 20.22 7.64
C PHE B 98 -7.29 20.76 7.74
N HIS B 99 -7.53 21.63 8.74
CA HIS B 99 -8.82 22.28 8.95
C HIS B 99 -8.87 23.64 8.23
N GLU B 100 -7.69 24.16 7.84
CA GLU B 100 -7.57 25.45 7.14
C GLU B 100 -6.57 25.39 5.97
N ALA B 101 -6.69 26.37 5.04
CA ALA B 101 -5.80 26.54 3.89
C ALA B 101 -4.46 26.92 4.45
N ILE B 102 -3.45 26.16 4.07
CA ILE B 102 -2.06 26.27 4.51
C ILE B 102 -1.16 26.49 3.29
N PRO B 103 -0.03 27.24 3.39
CA PRO B 103 0.84 27.36 2.20
C PRO B 103 1.56 26.04 1.94
N ASP B 104 1.92 25.79 0.69
CA ASP B 104 2.62 24.57 0.26
C ASP B 104 3.97 24.46 0.98
N PRO B 105 4.41 23.25 1.38
CA PRO B 105 5.68 23.14 2.12
C PRO B 105 6.91 23.38 1.24
N SER B 106 8.07 23.60 1.88
CA SER B 106 9.37 23.80 1.23
C SER B 106 9.77 22.54 0.42
N TRP B 107 9.45 21.35 0.96
CA TRP B 107 9.73 20.05 0.37
C TRP B 107 8.75 19.61 -0.74
N LYS B 108 7.86 20.52 -1.20
CA LYS B 108 6.90 20.24 -2.28
C LYS B 108 7.56 19.76 -3.59
N ASP B 109 8.83 20.10 -3.86
CA ASP B 109 9.46 19.61 -5.09
C ASP B 109 10.44 18.45 -4.85
N THR B 110 10.75 18.16 -3.58
CA THR B 110 11.64 17.07 -3.17
C THR B 110 10.88 15.74 -3.31
N VAL B 111 9.66 15.69 -2.76
CA VAL B 111 8.78 14.52 -2.85
C VAL B 111 8.25 14.34 -4.30
N LEU B 112 7.58 13.18 -4.56
CA LEU B 112 7.05 12.85 -5.89
C LEU B 112 5.57 13.19 -6.03
N GLY B 113 5.24 13.83 -7.15
CA GLY B 113 3.88 14.19 -7.53
C GLY B 113 3.05 14.93 -6.50
N PHE B 114 3.63 15.97 -5.90
CA PHE B 114 2.92 16.79 -4.92
C PHE B 114 1.79 17.56 -5.60
N ARG B 115 0.65 17.61 -4.93
CA ARG B 115 -0.54 18.38 -5.29
C ARG B 115 -1.44 18.53 -4.09
N LYS B 116 -2.44 19.36 -4.25
CA LYS B 116 -3.46 19.56 -3.25
C LYS B 116 -4.52 18.53 -3.55
N LEU B 117 -5.27 18.13 -2.51
CA LEU B 117 -6.34 17.14 -2.61
C LEU B 117 -7.54 17.74 -3.38
N THR B 118 -8.21 16.91 -4.18
CA THR B 118 -9.35 17.37 -4.95
C THR B 118 -10.59 17.37 -4.03
N PRO B 119 -11.68 18.11 -4.37
CA PRO B 119 -12.86 18.07 -3.51
C PRO B 119 -13.41 16.68 -3.24
N ARG B 120 -13.53 15.82 -4.30
CA ARG B 120 -14.03 14.44 -4.20
CA ARG B 120 -14.07 14.46 -4.14
C ARG B 120 -13.19 13.57 -3.26
N GLU B 121 -11.88 13.88 -3.13
CA GLU B 121 -10.99 13.14 -2.25
C GLU B 121 -11.27 13.70 -0.86
N LEU B 122 -11.25 15.04 -0.71
CA LEU B 122 -11.52 15.69 0.58
C LEU B 122 -12.86 15.26 1.17
N ASP B 123 -13.83 14.88 0.29
CA ASP B 123 -15.16 14.37 0.67
C ASP B 123 -15.08 13.06 1.45
N MET B 124 -13.92 12.40 1.46
CA MET B 124 -13.70 11.14 2.18
C MET B 124 -13.38 11.40 3.66
N PHE B 125 -12.95 12.62 3.99
CA PHE B 125 -12.56 12.97 5.36
C PHE B 125 -13.49 14.07 5.90
N PRO B 126 -14.67 13.70 6.50
CA PRO B 126 -15.61 14.72 7.00
C PRO B 126 -15.07 15.82 7.91
N ASP B 127 -14.02 15.52 8.70
CA ASP B 127 -13.45 16.46 9.66
C ASP B 127 -12.42 17.46 9.07
N TYR B 128 -11.93 17.21 7.85
CA TYR B 128 -10.88 18.04 7.22
C TYR B 128 -11.34 18.61 5.89
N GLY B 129 -11.15 19.92 5.68
CA GLY B 129 -11.58 20.61 4.47
C GLY B 129 -10.48 21.04 3.51
N TYR B 130 -9.22 20.80 3.90
CA TYR B 130 -8.04 21.16 3.12
C TYR B 130 -7.02 20.07 3.31
N GLY B 131 -6.13 19.89 2.34
CA GLY B 131 -5.09 18.87 2.43
C GLY B 131 -4.26 18.62 1.20
N TRP B 132 -3.25 17.73 1.32
CA TRP B 132 -2.30 17.40 0.24
C TRP B 132 -2.29 15.91 -0.08
N PHE B 133 -1.59 15.58 -1.18
CA PHE B 133 -1.27 14.24 -1.67
C PHE B 133 0.08 14.34 -2.32
N HIS B 134 0.91 13.36 -2.05
CA HIS B 134 2.25 13.23 -2.62
C HIS B 134 2.72 11.83 -2.33
N THR B 135 3.83 11.41 -2.96
CA THR B 135 4.48 10.12 -2.77
C THR B 135 5.79 10.38 -2.02
N SER B 136 6.02 9.72 -0.88
CA SER B 136 7.28 9.87 -0.15
C SER B 136 7.99 8.51 -0.03
N LEU B 137 8.77 8.31 1.04
CA LEU B 137 9.53 7.09 1.29
C LEU B 137 9.41 6.72 2.76
N ILE B 138 9.60 5.43 3.08
CA ILE B 138 9.66 4.92 4.44
C ILE B 138 10.99 4.20 4.62
N LEU B 139 11.65 4.45 5.77
CA LEU B 139 12.87 3.79 6.22
C LEU B 139 12.62 3.41 7.68
N GLU B 140 12.08 2.20 7.87
CA GLU B 140 11.72 1.66 9.17
C GLU B 140 12.95 1.57 10.03
N GLY B 141 12.88 2.21 11.21
CA GLY B 141 13.97 2.27 12.18
C GLY B 141 14.65 0.96 12.51
N LYS B 142 13.84 -0.03 12.96
CA LYS B 142 14.28 -1.35 13.40
C LYS B 142 15.07 -2.13 12.34
N ASN B 143 14.57 -2.17 11.09
CA ASN B 143 15.20 -2.85 9.96
C ASN B 143 16.48 -2.14 9.58
N TYR B 144 16.43 -0.79 9.56
CA TYR B 144 17.57 0.08 9.21
C TYR B 144 18.67 -0.03 10.23
N LEU B 145 18.29 -0.16 11.52
CA LEU B 145 19.24 -0.34 12.62
C LEU B 145 19.91 -1.70 12.45
N GLN B 146 19.13 -2.75 12.15
CA GLN B 146 19.61 -4.11 11.88
C GLN B 146 20.57 -4.14 10.68
N TRP B 147 20.34 -3.27 9.67
CA TRP B 147 21.17 -3.15 8.48
C TRP B 147 22.49 -2.47 8.80
N LEU B 148 22.41 -1.30 9.47
CA LEU B 148 23.56 -0.50 9.89
C LEU B 148 24.51 -1.28 10.78
N THR B 149 23.96 -1.98 11.80
CA THR B 149 24.74 -2.76 12.76
C THR B 149 25.57 -3.79 12.04
N GLU B 150 24.92 -4.59 11.16
CA GLU B 150 25.54 -5.65 10.35
C GLU B 150 26.57 -5.07 9.36
N ARG B 151 26.29 -3.91 8.74
CA ARG B 151 27.21 -3.25 7.82
C ARG B 151 28.45 -2.72 8.52
N LEU B 152 28.27 -2.27 9.78
CA LEU B 152 29.31 -1.80 10.69
C LEU B 152 30.13 -3.00 11.17
N THR B 153 29.45 -4.08 11.58
CA THR B 153 30.05 -5.35 12.06
C THR B 153 31.09 -5.88 11.05
N GLU B 154 30.72 -5.95 9.73
CA GLU B 154 31.63 -6.40 8.68
C GLU B 154 32.74 -5.37 8.34
N ARG B 155 32.75 -4.20 9.01
CA ARG B 155 33.75 -3.14 8.83
C ARG B 155 34.70 -3.03 10.05
N GLY B 156 34.57 -3.96 11.00
CA GLY B 156 35.43 -4.03 12.17
C GLY B 156 34.96 -3.29 13.39
N VAL B 157 33.86 -2.52 13.25
CA VAL B 157 33.25 -1.72 14.32
C VAL B 157 32.82 -2.64 15.46
N LYS B 158 33.43 -2.43 16.65
CA LYS B 158 33.14 -3.22 17.85
C LYS B 158 32.08 -2.51 18.73
N PHE B 159 30.96 -3.20 19.00
CA PHE B 159 29.85 -2.68 19.82
C PHE B 159 30.02 -3.11 21.27
N PHE B 160 29.77 -2.20 22.21
CA PHE B 160 29.95 -2.44 23.65
C PHE B 160 28.75 -1.97 24.46
N GLN B 161 28.18 -2.89 25.27
CA GLN B 161 27.05 -2.57 26.15
C GLN B 161 27.59 -2.02 27.47
N ARG B 162 27.36 -0.73 27.71
CA ARG B 162 27.74 0.03 28.92
C ARG B 162 27.08 1.41 28.98
N LYS B 163 26.84 1.89 30.22
CA LYS B 163 26.28 3.21 30.46
C LYS B 163 27.47 4.13 30.70
N VAL B 164 27.69 5.07 29.76
CA VAL B 164 28.80 6.01 29.84
C VAL B 164 28.46 7.13 30.83
N GLU B 165 29.31 7.26 31.87
CA GLU B 165 29.15 8.23 32.95
C GLU B 165 29.59 9.67 32.61
N SER B 166 30.67 9.83 31.79
CA SER B 166 31.23 11.13 31.42
C SER B 166 32.18 11.03 30.24
N PHE B 167 32.33 12.16 29.49
CA PHE B 167 33.24 12.29 28.34
C PHE B 167 34.71 12.00 28.73
N GLU B 168 35.18 12.52 29.90
CA GLU B 168 36.55 12.37 30.43
C GLU B 168 36.99 10.90 30.61
N GLU B 169 36.08 10.05 31.11
CA GLU B 169 36.18 8.58 31.32
C GLU B 169 36.53 7.88 29.99
N VAL B 170 35.84 8.27 28.90
CA VAL B 170 36.03 7.74 27.54
C VAL B 170 37.39 8.24 27.00
N ALA B 171 37.64 9.55 27.15
CA ALA B 171 38.85 10.22 26.73
C ALA B 171 40.08 9.57 27.41
N ARG B 172 40.04 9.46 28.75
CA ARG B 172 41.14 8.84 29.52
C ARG B 172 41.37 7.36 29.16
N GLU B 173 40.32 6.64 28.72
CA GLU B 173 40.47 5.26 28.29
C GLU B 173 41.01 5.14 26.83
N GLY B 174 41.69 6.20 26.39
CA GLY B 174 42.38 6.32 25.10
C GLY B 174 41.64 6.92 23.92
N ALA B 175 40.46 7.54 24.12
CA ALA B 175 39.73 8.11 22.97
C ALA B 175 40.32 9.41 22.43
N ASP B 176 40.41 9.50 21.11
CA ASP B 176 40.88 10.70 20.41
C ASP B 176 39.67 11.57 20.06
N VAL B 177 38.63 10.98 19.42
CA VAL B 177 37.41 11.68 19.02
C VAL B 177 36.21 10.99 19.62
N ILE B 178 35.35 11.77 20.32
CA ILE B 178 34.13 11.27 20.96
C ILE B 178 32.92 11.82 20.20
N VAL B 179 32.24 10.96 19.46
CA VAL B 179 31.04 11.35 18.74
C VAL B 179 29.87 11.10 19.68
N ASN B 180 29.21 12.18 20.10
CA ASN B 180 28.09 12.12 21.03
C ASN B 180 26.77 12.06 20.29
N CYS B 181 26.16 10.86 20.30
CA CYS B 181 24.87 10.57 19.67
C CYS B 181 23.97 9.87 20.71
N THR B 182 23.84 10.50 21.90
CA THR B 182 23.07 9.97 23.02
C THR B 182 21.56 10.34 23.00
N GLY B 183 21.13 11.06 21.96
CA GLY B 183 19.74 11.47 21.77
C GLY B 183 19.25 12.31 22.92
N VAL B 184 18.13 11.91 23.53
CA VAL B 184 17.52 12.60 24.65
C VAL B 184 18.35 12.53 25.96
N TRP B 185 19.24 11.51 26.11
CA TRP B 185 20.05 11.35 27.33
C TRP B 185 21.40 12.05 27.27
N ALA B 186 21.51 13.09 26.43
CA ALA B 186 22.72 13.87 26.25
C ALA B 186 22.94 14.79 27.45
N GLY B 187 21.83 15.12 28.13
CA GLY B 187 21.80 15.92 29.35
C GLY B 187 22.48 15.27 30.53
N ALA B 188 22.62 13.93 30.50
CA ALA B 188 23.30 13.17 31.54
C ALA B 188 24.83 13.28 31.39
N LEU B 189 25.28 13.50 30.14
CA LEU B 189 26.71 13.68 29.85
C LEU B 189 27.17 15.16 29.93
N GLN B 190 26.30 16.11 29.52
CA GLN B 190 26.56 17.56 29.54
C GLN B 190 25.23 18.33 29.61
N ARG B 191 25.11 19.26 30.58
CA ARG B 191 23.91 20.05 30.80
CA ARG B 191 23.91 20.07 30.82
C ARG B 191 23.46 20.88 29.59
N ASP B 192 22.29 20.54 29.04
CA ASP B 192 21.74 21.27 27.90
C ASP B 192 20.33 21.81 28.20
N PRO B 193 20.25 23.12 28.55
CA PRO B 193 18.96 23.73 28.88
C PRO B 193 17.98 23.76 27.72
N LEU B 194 18.48 23.58 26.49
CA LEU B 194 17.64 23.58 25.30
C LEU B 194 17.10 22.18 24.96
N LEU B 195 17.37 21.16 25.82
CA LEU B 195 16.95 19.77 25.58
C LEU B 195 15.79 19.29 26.45
N GLN B 196 14.80 18.60 25.84
CA GLN B 196 13.63 18.05 26.54
C GLN B 196 13.09 16.77 25.93
N PRO B 197 12.56 15.82 26.74
CA PRO B 197 11.98 14.60 26.14
C PRO B 197 10.63 14.84 25.46
N GLY B 198 10.57 14.56 24.17
CA GLY B 198 9.33 14.67 23.41
C GLY B 198 8.62 13.34 23.45
N ARG B 199 8.13 12.93 24.64
CA ARG B 199 7.50 11.61 24.78
C ARG B 199 6.40 11.30 23.78
N GLY B 200 6.52 10.14 23.17
CA GLY B 200 5.56 9.60 22.22
C GLY B 200 5.24 8.15 22.45
N GLN B 201 4.00 7.77 22.18
CA GLN B 201 3.49 6.40 22.27
C GLN B 201 2.79 6.06 20.96
N ILE B 202 2.89 4.78 20.56
CA ILE B 202 2.33 4.24 19.33
C ILE B 202 1.78 2.83 19.53
N MET B 203 1.04 2.37 18.54
CA MET B 203 0.45 1.05 18.45
C MET B 203 0.96 0.43 17.15
N LYS B 204 1.07 -0.89 17.12
CA LYS B 204 1.44 -1.67 15.94
C LYS B 204 0.20 -2.52 15.65
N VAL B 205 -0.38 -2.37 14.45
CA VAL B 205 -1.61 -3.06 14.07
C VAL B 205 -1.50 -3.90 12.79
N ASP B 206 -2.29 -4.99 12.74
CA ASP B 206 -2.35 -5.87 11.57
C ASP B 206 -3.49 -5.42 10.66
N ALA B 207 -3.22 -4.43 9.77
CA ALA B 207 -4.19 -3.91 8.80
C ALA B 207 -3.57 -3.88 7.38
N PRO B 208 -3.42 -5.07 6.74
CA PRO B 208 -2.71 -5.14 5.45
C PRO B 208 -3.37 -4.44 4.26
N TRP B 209 -4.68 -4.13 4.38
CA TRP B 209 -5.41 -3.43 3.31
C TRP B 209 -4.94 -2.02 3.16
N MET B 210 -4.31 -1.47 4.22
CA MET B 210 -3.81 -0.10 4.27
C MET B 210 -2.58 0.07 3.39
N LYS B 211 -2.76 0.78 2.26
CA LYS B 211 -1.70 1.08 1.28
C LYS B 211 -1.22 2.54 1.33
N HIS B 212 -1.92 3.43 2.08
CA HIS B 212 -1.55 4.84 2.17
C HIS B 212 -1.26 5.35 3.59
N PHE B 213 -0.38 6.39 3.68
CA PHE B 213 -0.21 7.07 4.95
C PHE B 213 -1.38 8.06 5.09
N ILE B 214 -1.84 8.28 6.33
CA ILE B 214 -2.90 9.26 6.63
C ILE B 214 -2.44 10.03 7.89
N LEU B 215 -2.08 11.32 7.70
CA LEU B 215 -1.58 12.26 8.71
C LEU B 215 -2.51 13.47 8.83
N THR B 216 -3.02 13.69 10.03
CA THR B 216 -3.87 14.85 10.34
C THR B 216 -3.05 15.83 11.17
N HIS B 217 -3.37 17.11 11.05
CA HIS B 217 -2.67 18.18 11.73
C HIS B 217 -3.66 19.08 12.46
N ASP B 218 -3.23 19.62 13.62
CA ASP B 218 -3.99 20.55 14.42
C ASP B 218 -3.09 21.47 15.24
N PRO B 219 -3.17 22.80 15.01
CA PRO B 219 -2.35 23.73 15.81
C PRO B 219 -2.66 23.69 17.31
N GLU B 220 -3.95 23.45 17.68
CA GLU B 220 -4.43 23.35 19.07
C GLU B 220 -3.67 22.24 19.81
N ARG B 221 -3.54 21.08 19.14
CA ARG B 221 -2.89 19.86 19.59
C ARG B 221 -1.37 19.96 19.53
N GLY B 222 -0.85 20.63 18.50
CA GLY B 222 0.57 20.77 18.27
C GLY B 222 1.12 19.69 17.36
N ILE B 223 2.38 19.85 16.93
CA ILE B 223 3.06 18.91 16.04
C ILE B 223 3.40 17.51 16.59
N TYR B 224 2.97 16.46 15.86
CA TYR B 224 3.03 15.04 16.22
C TYR B 224 2.08 14.57 17.33
N ASN B 225 1.22 15.48 17.82
CA ASN B 225 0.21 15.20 18.85
C ASN B 225 -1.21 15.22 18.28
N SER B 226 -1.37 14.66 17.08
CA SER B 226 -2.64 14.55 16.33
C SER B 226 -2.59 13.21 15.51
N PRO B 227 -3.75 12.52 15.34
CA PRO B 227 -3.74 11.19 14.68
C PRO B 227 -3.02 10.97 13.34
N TYR B 228 -2.25 9.87 13.27
CA TYR B 228 -1.51 9.46 12.09
C TYR B 228 -1.48 7.97 11.91
N ILE B 229 -1.73 7.54 10.66
CA ILE B 229 -1.77 6.14 10.23
C ILE B 229 -0.63 5.94 9.24
N ILE B 230 0.37 5.09 9.57
CA ILE B 230 1.53 4.85 8.70
C ILE B 230 1.75 3.36 8.43
N PRO B 231 1.28 2.85 7.27
CA PRO B 231 1.50 1.44 6.95
C PRO B 231 2.98 1.12 6.80
N GLY B 232 3.43 0.06 7.46
CA GLY B 232 4.80 -0.44 7.34
C GLY B 232 4.85 -1.66 6.44
N THR B 233 5.91 -2.44 6.60
CA THR B 233 6.16 -3.62 5.81
C THR B 233 5.36 -4.84 6.32
N GLN B 234 5.31 -5.02 7.66
CA GLN B 234 4.62 -6.15 8.31
C GLN B 234 3.39 -5.68 9.09
N THR B 235 3.39 -4.41 9.53
CA THR B 235 2.34 -3.83 10.36
C THR B 235 2.09 -2.36 10.05
N VAL B 236 0.94 -1.85 10.49
CA VAL B 236 0.57 -0.44 10.32
C VAL B 236 0.84 0.32 11.64
N THR B 237 1.45 1.50 11.56
CA THR B 237 1.72 2.33 12.73
C THR B 237 0.54 3.28 13.02
N LEU B 238 -0.01 3.17 14.23
CA LEU B 238 -1.08 4.00 14.81
C LEU B 238 -0.38 4.93 15.81
N GLY B 239 -0.41 6.24 15.54
CA GLY B 239 0.22 7.23 16.42
C GLY B 239 -0.62 8.48 16.68
N GLY B 240 0.01 9.47 17.31
CA GLY B 240 -0.56 10.78 17.64
C GLY B 240 -0.36 11.22 19.08
N ILE B 241 0.88 11.08 19.63
CA ILE B 241 1.19 11.46 21.03
C ILE B 241 2.51 12.24 21.11
N PHE B 242 2.51 13.39 21.82
CA PHE B 242 3.69 14.23 22.04
C PHE B 242 3.57 14.96 23.39
N GLN B 243 4.35 14.55 24.40
CA GLN B 243 4.33 15.14 25.75
C GLN B 243 5.70 15.74 26.11
N LEU B 244 5.84 17.05 25.95
CA LEU B 244 7.07 17.81 26.23
C LEU B 244 7.37 17.78 27.72
N GLY B 245 8.49 17.15 28.07
CA GLY B 245 8.96 17.04 29.45
C GLY B 245 8.66 15.73 30.15
N ASN B 246 7.86 14.82 29.51
CA ASN B 246 7.51 13.52 30.09
C ASN B 246 8.62 12.49 29.87
N TRP B 247 9.12 11.93 31.00
CA TRP B 247 10.20 10.95 31.07
C TRP B 247 9.72 9.52 31.40
N SER B 248 8.40 9.24 31.30
CA SER B 248 7.82 7.92 31.59
C SER B 248 8.02 6.93 30.44
N GLU B 249 8.92 5.94 30.65
CA GLU B 249 9.26 4.89 29.66
C GLU B 249 8.10 3.89 29.44
N LEU B 250 7.23 3.72 30.44
CA LEU B 250 6.10 2.80 30.34
C LEU B 250 5.00 3.37 29.43
N ASN B 251 4.16 2.48 28.85
CA ASN B 251 2.99 2.86 28.05
C ASN B 251 1.90 3.20 29.06
N ASN B 252 0.90 4.00 28.66
CA ASN B 252 -0.26 4.32 29.53
C ASN B 252 -1.59 4.13 28.80
N ILE B 253 -2.65 3.84 29.56
CA ILE B 253 -3.98 3.56 29.01
C ILE B 253 -4.68 4.75 28.32
N GLN B 254 -4.41 6.00 28.77
CA GLN B 254 -5.01 7.22 28.20
C GLN B 254 -4.49 7.48 26.80
N ASP B 255 -3.17 7.36 26.63
CA ASP B 255 -2.51 7.53 25.34
C ASP B 255 -2.94 6.40 24.38
N HIS B 256 -3.16 5.17 24.91
CA HIS B 256 -3.63 4.02 24.15
C HIS B 256 -5.00 4.40 23.54
N ASN B 257 -5.97 4.82 24.42
CA ASN B 257 -7.32 5.24 24.03
C ASN B 257 -7.30 6.41 23.03
N THR B 258 -6.46 7.46 23.28
CA THR B 258 -6.30 8.63 22.41
C THR B 258 -5.97 8.19 20.97
N ILE B 259 -4.89 7.36 20.80
CA ILE B 259 -4.38 6.78 19.54
C ILE B 259 -5.51 6.01 18.82
N TRP B 260 -6.10 5.01 19.51
CA TRP B 260 -7.18 4.15 19.00
C TRP B 260 -8.44 4.92 18.59
N GLU B 261 -8.94 5.84 19.45
CA GLU B 261 -10.12 6.66 19.12
C GLU B 261 -9.82 7.49 17.88
N GLY B 262 -8.68 8.19 17.89
CA GLY B 262 -8.25 9.05 16.80
C GLY B 262 -8.08 8.37 15.45
N CYS B 263 -7.42 7.19 15.41
CA CYS B 263 -7.16 6.48 14.16
C CYS B 263 -8.39 5.76 13.59
N CYS B 264 -9.25 5.20 14.47
CA CYS B 264 -10.48 4.52 14.05
C CYS B 264 -11.54 5.50 13.56
N ARG B 265 -11.50 6.76 14.03
CA ARG B 265 -12.38 7.81 13.56
C ARG B 265 -11.83 8.29 12.20
N LEU B 266 -10.49 8.25 12.02
CA LEU B 266 -9.83 8.65 10.77
C LEU B 266 -10.12 7.65 9.67
N GLU B 267 -10.09 6.36 10.03
CA GLU B 267 -10.28 5.22 9.15
C GLU B 267 -11.07 4.17 9.90
N PRO B 268 -12.40 4.08 9.69
CA PRO B 268 -13.19 3.08 10.43
C PRO B 268 -12.82 1.61 10.23
N THR B 269 -12.19 1.24 9.11
CA THR B 269 -11.76 -0.14 8.84
C THR B 269 -10.83 -0.64 9.97
N LEU B 270 -10.06 0.28 10.56
CA LEU B 270 -9.11 0.04 11.64
C LEU B 270 -9.69 -0.58 12.90
N LYS B 271 -11.02 -0.41 13.15
CA LYS B 271 -11.71 -1.00 14.31
C LYS B 271 -11.55 -2.54 14.41
N ASN B 272 -11.35 -3.20 13.24
CA ASN B 272 -11.17 -4.65 13.11
C ASN B 272 -9.69 -5.12 13.05
N ALA B 273 -8.74 -4.19 13.04
CA ALA B 273 -7.32 -4.50 13.00
C ALA B 273 -6.81 -4.98 14.38
N ARG B 274 -5.99 -6.05 14.38
CA ARG B 274 -5.41 -6.70 15.56
C ARG B 274 -4.18 -5.96 16.12
N ILE B 275 -4.22 -5.64 17.42
CA ILE B 275 -3.11 -4.95 18.08
C ILE B 275 -1.99 -5.97 18.31
N ILE B 276 -0.88 -5.75 17.64
CA ILE B 276 0.29 -6.61 17.72
C ILE B 276 1.08 -6.28 18.99
N GLY B 277 1.29 -4.99 19.22
CA GLY B 277 2.01 -4.47 20.37
C GLY B 277 2.03 -2.96 20.41
N GLU B 278 2.53 -2.42 21.53
CA GLU B 278 2.61 -0.98 21.77
C GLU B 278 3.98 -0.60 22.22
N ARG B 279 4.43 0.62 21.88
CA ARG B 279 5.76 1.13 22.29
C ARG B 279 5.75 2.60 22.70
N THR B 280 6.77 3.00 23.48
CA THR B 280 6.98 4.36 23.99
C THR B 280 8.39 4.82 23.67
N GLY B 281 8.52 6.03 23.15
CA GLY B 281 9.81 6.62 22.81
C GLY B 281 9.96 8.05 23.28
N PHE B 282 11.18 8.59 23.14
CA PHE B 282 11.50 9.96 23.53
C PHE B 282 12.18 10.74 22.40
N ARG B 283 11.42 11.64 21.73
CA ARG B 283 11.96 12.50 20.68
C ARG B 283 12.95 13.51 21.34
N PRO B 284 14.21 13.60 20.84
CA PRO B 284 15.15 14.57 21.46
C PRO B 284 14.77 15.99 21.03
N VAL B 285 13.92 16.64 21.83
CA VAL B 285 13.39 17.97 21.51
C VAL B 285 14.35 19.13 21.82
N ARG B 286 14.62 19.94 20.78
CA ARG B 286 15.53 21.09 20.81
C ARG B 286 14.97 22.19 19.88
N PRO B 287 15.38 23.49 20.00
CA PRO B 287 14.85 24.49 19.05
C PRO B 287 15.43 24.24 17.65
N GLN B 288 16.61 23.60 17.61
CA GLN B 288 17.36 23.22 16.41
C GLN B 288 18.34 22.08 16.77
N ILE B 289 18.78 21.30 15.77
CA ILE B 289 19.74 20.20 16.00
C ILE B 289 21.10 20.76 16.46
N ARG B 290 21.69 20.13 17.50
CA ARG B 290 23.05 20.46 17.96
C ARG B 290 24.01 19.55 17.15
N LEU B 291 24.74 20.14 16.19
CA LEU B 291 25.66 19.45 15.30
C LEU B 291 26.88 20.34 15.12
N GLU B 292 27.83 20.20 16.05
CA GLU B 292 29.05 21.01 16.12
C GLU B 292 30.19 20.28 16.83
N ARG B 293 31.43 20.77 16.63
CA ARG B 293 32.66 20.26 17.24
C ARG B 293 33.00 21.07 18.48
N GLU B 294 33.22 20.38 19.62
CA GLU B 294 33.53 21.01 20.91
C GLU B 294 34.86 20.48 21.43
N GLN B 295 35.75 21.41 21.83
CA GLN B 295 37.06 21.07 22.37
C GLN B 295 36.96 20.81 23.87
N LEU B 296 37.46 19.66 24.33
CA LEU B 296 37.47 19.27 25.74
C LEU B 296 38.92 19.21 26.26
N ARG B 297 39.30 20.19 27.11
CA ARG B 297 40.65 20.32 27.68
C ARG B 297 40.99 19.24 28.71
N THR B 298 41.42 18.07 28.22
CA THR B 298 41.79 16.92 29.05
C THR B 298 43.30 16.94 29.34
N GLY B 299 43.70 17.77 30.29
CA GLY B 299 45.10 17.92 30.69
C GLY B 299 45.93 18.68 29.67
N PRO B 300 46.95 18.03 29.05
CA PRO B 300 47.78 18.76 28.07
C PRO B 300 47.13 18.81 26.67
N SER B 301 46.91 17.63 26.03
CA SER B 301 46.27 17.51 24.72
C SER B 301 44.76 17.38 24.91
N ASN B 302 43.99 18.03 24.04
CA ASN B 302 42.52 18.04 24.11
C ASN B 302 41.86 16.95 23.27
N THR B 303 40.77 16.37 23.81
CA THR B 303 39.99 15.34 23.11
C THR B 303 38.78 16.01 22.46
N GLU B 304 38.58 15.74 21.17
CA GLU B 304 37.51 16.32 20.35
C GLU B 304 36.13 15.66 20.54
N VAL B 305 35.06 16.48 20.53
CA VAL B 305 33.68 16.00 20.69
C VAL B 305 32.77 16.49 19.57
N ILE B 306 32.16 15.57 18.81
CA ILE B 306 31.19 15.94 17.80
C ILE B 306 29.83 15.59 18.40
N HIS B 307 28.98 16.62 18.65
CA HIS B 307 27.63 16.41 19.16
C HIS B 307 26.71 16.28 17.95
N ASN B 308 25.80 15.30 17.98
CA ASN B 308 24.81 15.06 16.95
C ASN B 308 23.58 14.50 17.68
N TYR B 309 22.77 15.43 18.24
CA TYR B 309 21.57 15.14 19.02
C TYR B 309 20.63 16.34 18.99
N GLY B 310 19.38 16.05 19.27
CA GLY B 310 18.29 17.02 19.30
C GLY B 310 17.52 17.03 18.01
N HIS B 311 17.28 15.83 17.44
CA HIS B 311 16.59 15.61 16.16
C HIS B 311 15.06 15.60 16.18
N GLY B 312 14.47 15.70 17.37
CA GLY B 312 13.01 15.71 17.55
C GLY B 312 12.29 14.54 16.91
N GLY B 313 11.21 14.84 16.19
CA GLY B 313 10.41 13.86 15.46
C GLY B 313 10.85 13.54 14.04
N TYR B 314 12.04 14.01 13.65
CA TYR B 314 12.52 13.98 12.28
C TYR B 314 13.93 13.37 12.11
N GLY B 315 14.33 12.54 13.07
CA GLY B 315 15.61 11.84 13.10
C GLY B 315 15.89 10.91 11.93
N LEU B 316 14.85 10.32 11.32
CA LEU B 316 15.01 9.45 10.14
C LEU B 316 15.01 10.31 8.87
N THR B 317 14.09 11.30 8.81
CA THR B 317 13.90 12.29 7.75
C THR B 317 15.17 13.08 7.46
N ILE B 318 15.99 13.38 8.51
CA ILE B 318 17.20 14.18 8.42
C ILE B 318 18.55 13.43 8.61
N HIS B 319 18.54 12.20 9.17
CA HIS B 319 19.77 11.45 9.50
C HIS B 319 20.97 11.57 8.55
N TRP B 320 20.75 11.34 7.25
CA TRP B 320 21.83 11.33 6.28
C TRP B 320 22.57 12.63 6.06
N GLY B 321 21.84 13.75 6.06
CA GLY B 321 22.41 15.07 5.92
C GLY B 321 23.25 15.41 7.12
N CYS B 322 22.74 15.05 8.34
CA CYS B 322 23.45 15.20 9.62
C CYS B 322 24.71 14.34 9.64
N ALA B 323 24.62 13.11 9.10
CA ALA B 323 25.74 12.18 9.01
C ALA B 323 26.90 12.78 8.19
N LEU B 324 26.57 13.33 7.00
CA LEU B 324 27.52 13.96 6.07
C LEU B 324 28.16 15.21 6.63
N GLU B 325 27.39 16.02 7.40
CA GLU B 325 27.85 17.23 8.06
C GLU B 325 28.75 16.88 9.25
N ALA B 326 28.41 15.82 9.99
CA ALA B 326 29.23 15.30 11.09
C ALA B 326 30.52 14.73 10.51
N ALA B 327 30.45 14.12 9.30
CA ALA B 327 31.62 13.60 8.60
C ALA B 327 32.51 14.78 8.22
N LYS B 328 31.90 15.89 7.72
CA LYS B 328 32.60 17.15 7.40
C LYS B 328 33.31 17.70 8.64
N LEU B 329 32.66 17.61 9.83
CA LEU B 329 33.22 18.01 11.11
C LEU B 329 34.34 17.04 11.53
N PHE B 330 34.24 15.74 11.13
CA PHE B 330 35.28 14.75 11.41
C PHE B 330 36.52 15.00 10.55
N GLY B 331 36.32 15.45 9.31
CA GLY B 331 37.40 15.78 8.38
C GLY B 331 38.25 16.92 8.89
N ARG B 332 37.60 17.98 9.45
CA ARG B 332 38.25 19.17 10.01
C ARG B 332 39.18 18.80 11.16
N ILE B 333 38.82 17.76 11.95
CA ILE B 333 39.64 17.28 13.07
C ILE B 333 40.91 16.62 12.50
N LEU B 334 40.74 15.71 11.51
CA LEU B 334 41.85 15.00 10.86
C LEU B 334 42.92 15.94 10.32
N GLU B 335 42.51 17.03 9.63
CA GLU B 335 43.42 18.03 9.08
C GLU B 335 44.06 18.90 10.18
N GLU B 336 43.26 19.29 11.21
CA GLU B 336 43.71 20.09 12.35
C GLU B 336 44.59 19.29 13.31
N LYS B 337 44.58 17.95 13.17
CA LYS B 337 45.42 17.05 13.96
C LYS B 337 46.57 16.46 13.10
N LYS B 338 46.83 17.09 11.92
CA LYS B 338 47.88 16.73 10.94
C LYS B 338 47.81 15.25 10.53
N LEU B 339 46.76 14.87 9.77
CA LEU B 339 46.52 13.49 9.34
C LEU B 339 45.90 13.35 7.93
N SER B 340 45.28 14.44 7.41
CA SER B 340 44.62 14.46 6.09
C SER B 340 45.61 14.32 4.93
PA FAD C . -16.24 -17.29 -13.48
O1A FAD C . -15.50 -18.13 -14.40
O2A FAD C . -15.54 -16.85 -12.16
O5B FAD C . -17.43 -18.13 -13.04
C5B FAD C . -18.20 -18.94 -14.10
C4B FAD C . -19.05 -19.87 -13.27
O4B FAD C . -19.87 -20.65 -14.20
C3B FAD C . -18.24 -20.86 -12.47
O3B FAD C . -18.68 -21.07 -11.09
C2B FAD C . -18.32 -22.10 -13.24
O2B FAD C . -17.90 -23.29 -12.56
C1B FAD C . -19.80 -21.99 -13.66
N9A FAD C . -20.17 -22.75 -14.85
C8A FAD C . -19.73 -22.67 -16.14
N7A FAD C . -20.37 -23.61 -16.94
C5A FAD C . -21.16 -24.31 -16.26
C6A FAD C . -22.08 -25.42 -16.46
N6A FAD C . -22.41 -26.06 -17.54
N1A FAD C . -22.71 -25.92 -15.36
C2A FAD C . -22.47 -25.38 -14.12
N3A FAD C . -21.74 -24.31 -13.85
C4A FAD C . -21.03 -23.75 -14.88
N1 FAD C . -11.10 -8.12 -13.76
C2 FAD C . -11.07 -6.90 -13.09
O2 FAD C . -12.12 -6.14 -13.14
N3 FAD C . -9.90 -6.51 -12.41
C4 FAD C . -8.77 -7.31 -12.37
O4 FAD C . -7.74 -6.87 -11.63
C4X FAD C . -8.76 -8.50 -13.05
N5 FAD C . -7.60 -9.32 -13.11
C5X FAD C . -7.56 -10.53 -13.87
C6 FAD C . -6.39 -11.33 -13.96
C7 FAD C . -6.44 -12.62 -14.86
C7M FAD C . -5.17 -13.46 -14.96
C8 FAD C . -7.69 -12.99 -15.47
C8M FAD C . -7.88 -14.16 -16.22
C9 FAD C . -8.94 -12.20 -15.35
C9A FAD C . -8.90 -10.96 -14.58
N10 FAD C . -10.05 -10.10 -14.47
C10 FAD C . -9.98 -8.92 -13.76
C1' FAD C . -11.39 -10.44 -15.18
C2' FAD C . -12.44 -11.28 -14.38
O2' FAD C . -11.83 -12.49 -13.70
C3' FAD C . -13.66 -11.75 -15.22
O3' FAD C . -14.02 -10.77 -16.28
C4' FAD C . -14.83 -12.29 -14.24
O4' FAD C . -14.25 -13.36 -13.40
C5' FAD C . -15.64 -13.29 -14.98
O5' FAD C . -16.77 -13.68 -14.17
P FAD C . -17.65 -15.01 -14.53
O1P FAD C . -18.20 -14.56 -15.94
O2P FAD C . -18.50 -14.90 -13.24
O3P FAD C . -16.43 -16.12 -14.58
O1 SE5 D . -5.02 -9.55 -17.11
C1 SE5 D . -6.19 -9.12 -17.02
O2 SE5 D . -7.12 -9.60 -17.70
C2 SE5 D . -6.49 -7.98 -16.10
C3 SE5 D . -5.57 -7.19 -15.42
C4 SE5 D . -6.30 -6.27 -14.69
C5 SE5 D . -5.76 -5.18 -13.78
C6 SE5 D . -4.55 -4.49 -14.43
C7 SE5 D . -4.93 -3.91 -15.77
C8 SE5 D . -6.09 -3.15 -15.91
C9 SE5 D . -4.12 -4.14 -16.87
C10 SE5 D . -4.46 -3.62 -18.12
C11 SE5 D . -5.62 -2.86 -18.25
C12 SE5 D . -7.64 -6.50 -14.94
CL1 SE5 D . -6.06 -2.17 -19.85
C13 SE5 D . -6.44 -2.62 -17.14
N1 SE5 D . -7.73 -7.55 -15.80
C1 GOL E . 6.43 1.49 -5.56
O1 GOL E . 5.56 0.46 -5.08
C2 GOL E . 7.78 0.83 -6.01
O2 GOL E . 8.06 1.26 -7.38
C3 GOL E . 8.92 1.15 -4.97
O3 GOL E . 9.58 0.07 -4.28
PA FAD F . 17.99 7.00 20.04
O1A FAD F . 17.24 7.16 21.32
O2A FAD F . 17.39 6.14 18.93
O5B FAD F . 19.31 6.27 20.44
C5B FAD F . 20.10 6.93 21.49
C4B FAD F . 21.26 6.02 21.71
O4B FAD F . 22.07 6.78 22.70
C3B FAD F . 20.84 4.67 22.36
O3B FAD F . 21.43 3.48 21.82
C2B FAD F . 21.23 4.85 23.79
O2B FAD F . 21.28 3.72 24.65
C1B FAD F . 22.46 5.75 23.69
N9A FAD F . 22.80 6.41 24.94
C8A FAD F . 22.17 7.41 25.64
N7A FAD F . 22.84 7.69 26.80
C5A FAD F . 23.88 6.89 26.90
C6A FAD F . 24.95 6.65 27.84
N6A FAD F . 25.15 7.26 29.01
N1A FAD F . 25.87 5.66 27.56
C2A FAD F . 25.76 4.92 26.42
N3A FAD F . 24.82 5.10 25.47
C4A FAD F . 23.84 6.07 25.68
N1 FAD F . 11.37 10.34 12.78
C2 FAD F . 11.16 10.27 11.41
O2 FAD F . 11.95 10.88 10.57
N3 FAD F . 10.09 9.54 10.88
C4 FAD F . 9.15 8.96 11.73
O4 FAD F . 8.15 8.34 11.13
C4X FAD F . 9.25 9.04 13.10
N5 FAD F . 8.28 8.43 13.97
C5X FAD F . 8.35 8.53 15.39
C6 FAD F . 7.34 7.98 16.22
C7 FAD F . 7.45 8.16 17.77
C7M FAD F . 6.35 7.60 18.71
C8 FAD F . 8.64 8.82 18.31
C8M FAD F . 8.85 9.01 19.72
C9 FAD F . 9.72 9.33 17.43
C9A FAD F . 9.59 9.25 15.98
N10 FAD F . 10.59 9.84 15.07
C10 FAD F . 10.42 9.77 13.66
C1' FAD F . 11.80 10.54 15.59
C2' FAD F . 13.03 9.56 15.66
O2' FAD F . 12.63 8.26 16.28
C3' FAD F . 14.19 10.16 16.47
O3' FAD F . 14.29 11.51 15.96
C4' FAD F . 15.56 9.39 16.28
O4' FAD F . 15.46 7.95 16.49
C5' FAD F . 16.48 9.63 17.43
O5' FAD F . 17.83 9.23 17.06
P FAD F . 19.00 9.03 18.23
O1P FAD F . 19.41 10.49 18.53
O2P FAD F . 19.82 8.08 17.39
O3P FAD F . 18.14 8.52 19.57
O1 SE5 G . 5.44 10.82 15.82
C1 SE5 G . 6.50 11.34 15.39
O2 SE5 G . 7.41 11.74 16.14
C2 SE5 G . 6.66 11.49 13.91
C3 SE5 G . 5.77 11.04 12.94
C4 SE5 G . 6.29 11.37 11.72
C5 SE5 G . 5.67 11.09 10.37
C6 SE5 G . 4.24 11.59 10.37
C7 SE5 G . 4.22 13.09 10.56
C8 SE5 G . 5.23 13.87 10.02
C9 SE5 G . 3.18 13.68 11.28
C10 SE5 G . 3.16 15.06 11.47
C11 SE5 G . 4.17 15.84 10.94
C12 SE5 G . 7.50 12.01 11.95
CL1 SE5 G . 4.15 17.62 11.18
C13 SE5 G . 5.21 15.25 10.21
N1 SE5 G . 7.71 12.06 13.29
#